data_3CDZ
#
_entry.id   3CDZ
#
_cell.length_a   134.113
_cell.length_b   134.113
_cell.length_c   349.760
_cell.angle_alpha   90.00
_cell.angle_beta   90.00
_cell.angle_gamma   90.00
#
_symmetry.space_group_name_H-M   'P 41 21 2'
#
loop_
_entity.id
_entity.type
_entity.pdbx_description
1 polymer 'Coagulation factor VIII heavy chain'
2 polymer 'Coagulation factor VIII light chain'
3 branched 2-acetamido-2-deoxy-beta-D-glucopyranose-(1-4)-2-acetamido-2-deoxy-beta-D-glucopyranose
4 branched alpha-D-mannopyranose-(1-3)-[alpha-D-mannopyranose-(1-6)]alpha-D-mannopyranose-(1-4)-2-acetamido-2-deoxy-beta-D-glucopyranose
5 non-polymer 'COPPER (II) ION'
6 non-polymer 'CALCIUM ION'
7 non-polymer 2-acetamido-2-deoxy-beta-D-glucopyranose
#
loop_
_entity_poly.entity_id
_entity_poly.type
_entity_poly.pdbx_seq_one_letter_code
_entity_poly.pdbx_strand_id
1 'polypeptide(L)'
;ATRRYYLGAVELSWDYMQSDLGELPVDARFPPRVPKSFPFNTSVVYKKTLFVEFTDHLFNIAKPRPPWMGLLGPTIQAEV
YDTVVITLKNMASHPVSLHAVGVSYWKASEGAEYDDQTSQREKEDDKVFPGGSHTYVWQVLKENGPMASDPLCLTYSYLS
HVDLVKDLNSGLIGALLVCREGSLAKEKTQTLHKFILLFAVFDEGKSWHSETKNSLMQDRDAASARAWPKMHTVNGYVNR
SLPGLIGCHRKSVYWHVIGMGTTPEVHSIFLEGHTFLVRNHRQASLEISPITFLTAQTLLMDLGQFLLFCHISSHQHDGM
EAYVKVDSCPEEPQLRMKNNEEAEDYDDDLTDSEMDVVRFDDDNSPSFIQIRSVAKKHPKTWVHYIAAEEEDWDYAPLVL
APDDRSYKSQYLNNGPQRIGRKYKKVRFMAYTDETFKTREAIQHESGILGPLLYGEVGDTLLIIFKNQASRPYNIYPHGI
TDVRPLYSRRLPKGVKHLKDFPILPGEIFKYKWTVTVEDGPTKSDPRCLTRYYSSFVNMERDLASGLIGPLLICYKESVD
QRGNQIMSDKRNVILFSVFDENRSWYLTENIQRFLPNPAGVQLEDPEFQASNIMHSINGYVFDSLQLSVCLHEVAYWYIL
SIGAQTDFLSVFFSGYTFKHKMVYEDTLTLFPFSGETVFMSMENPGLWILGCHNSDFRNRGMTALLKVSSCDKNTGDYYE
DSYEDISAYLLSKNNAIEPRSFSQNPPVLKRHQR
;
A
2 'polypeptide(L)'
;EITRTTLQSDQEEIDYDDTISVEMKKEDFDIYDEDENQSPRSFQKKTRHYFIAAVERLWDYGMSSSPHVLRNRAQSGSVP
QFKKVVFQEFTDGSFTQPLYRGELNEHLGLLGPYIRAEVEDNIMVTFRNQASRPYSFYSSLISYEEDQRQGAEPRKNFVK
PNETKTYFWKVQHHMAPTKDEFDCKAWAYFSDVDLEKDVHSGLIGPLLVCHTNTLNPAHGRQVTVQEFALFLTIFDETKS
WYFTENMERNCRAPCNIQMEDPTFKENYRFHAINGYIMDTLPGLVMAQDQRIRWYLLSMGSNENIHSIHFSGHVFTVRKK
EEYKMALYNLYPGVFETVEMLPSKAGIWRVECLIGEHLHAGMSTLFLVYSNKCQTPLGMASGHIRDFQITASGQYGQWAP
KLARLHYSGSINAWSTKEPFSWIKVDLLAPMIIHGIKTQGARQKFSSLYISQFIIMYSLDGKKWQTYRGNSTGTLMVFFG
NVDSSGIKHNIFNPPIIARYIRLHPTHYSIRSTLRMELMGCDLNSCSMPLGMESKAISDAQITASSYFTNMFATWSPSKA
RLHLQGRSNAWRPQVNNPKEWLQVDFQKTMKVTGVTTQGVKSLLTSMYVKEFLISSSQDGHQWTLFFQNGKVKVFQGNQD
SFTPVVNSLDPPLLTRYLRIHPQSWVHQIALRMEVLGCEAQDLY
;
B
#
# COMPACT_ATOMS: atom_id res chain seq x y z
N ALA A 1 12.35 -23.50 19.29
CA ALA A 1 12.85 -24.11 18.03
C ALA A 1 13.65 -23.11 17.17
N THR A 2 14.40 -23.61 16.18
CA THR A 2 15.28 -22.80 15.33
C THR A 2 15.47 -23.46 13.96
N ARG A 3 14.70 -23.04 12.95
CA ARG A 3 14.59 -23.75 11.64
C ARG A 3 15.55 -23.35 10.50
N ARG A 4 16.06 -24.36 9.77
CA ARG A 4 17.00 -24.15 8.65
C ARG A 4 16.47 -24.70 7.35
N TYR A 5 16.69 -23.96 6.25
CA TYR A 5 16.25 -24.36 4.91
C TYR A 5 17.34 -24.13 3.85
N TYR A 6 18.26 -25.10 3.75
CA TYR A 6 19.53 -24.95 3.00
C TYR A 6 19.45 -24.99 1.46
N LEU A 7 18.47 -24.27 0.89
CA LEU A 7 18.09 -24.46 -0.52
C LEU A 7 18.35 -23.23 -1.43
N GLY A 8 19.24 -23.42 -2.42
CA GLY A 8 19.58 -22.38 -3.41
C GLY A 8 18.60 -22.27 -4.56
N ALA A 9 18.98 -21.50 -5.57
CA ALA A 9 18.13 -21.23 -6.75
C ALA A 9 18.81 -21.57 -8.09
N VAL A 10 18.03 -22.13 -9.02
CA VAL A 10 18.56 -22.80 -10.24
C VAL A 10 17.92 -22.38 -11.59
N GLU A 11 18.52 -22.90 -12.67
CA GLU A 11 17.97 -22.82 -14.02
C GLU A 11 17.38 -24.17 -14.48
N LEU A 12 16.11 -24.17 -14.84
CA LEU A 12 15.43 -25.39 -15.26
C LEU A 12 14.61 -25.19 -16.54
N SER A 13 14.37 -26.30 -17.23
CA SER A 13 13.61 -26.34 -18.48
C SER A 13 12.15 -26.84 -18.25
N TRP A 14 11.17 -26.08 -18.77
CA TRP A 14 9.75 -26.23 -18.40
C TRP A 14 8.82 -26.60 -19.57
N ASP A 15 7.55 -26.89 -19.28
CA ASP A 15 6.58 -27.34 -20.29
C ASP A 15 5.07 -26.98 -20.09
N TYR A 16 4.28 -28.04 -19.89
CA TYR A 16 2.81 -28.07 -19.92
C TYR A 16 2.14 -27.30 -18.79
N VAL A 44 4.31 -28.38 -26.07
CA VAL A 44 5.76 -28.37 -26.29
C VAL A 44 6.33 -26.94 -26.50
N VAL A 45 6.17 -26.06 -25.49
CA VAL A 45 6.62 -24.63 -25.54
C VAL A 45 7.05 -23.92 -24.21
N TYR A 46 8.33 -23.52 -24.14
CA TYR A 46 8.94 -22.51 -23.17
C TYR A 46 9.74 -22.92 -21.90
N LYS A 47 10.99 -22.47 -21.79
CA LYS A 47 11.94 -22.95 -20.74
C LYS A 47 12.68 -21.85 -19.94
N LYS A 48 12.56 -21.89 -18.60
CA LYS A 48 12.75 -20.76 -17.67
C LYS A 48 13.93 -20.85 -16.67
N THR A 49 13.83 -20.07 -15.57
CA THR A 49 14.67 -20.21 -14.34
C THR A 49 13.80 -20.31 -13.06
N LEU A 50 13.99 -21.38 -12.30
CA LEU A 50 13.08 -21.75 -11.22
C LEU A 50 13.72 -21.50 -9.85
N PHE A 51 13.19 -22.15 -8.82
CA PHE A 51 13.66 -21.96 -7.45
C PHE A 51 13.80 -23.32 -6.81
N VAL A 52 15.03 -23.83 -6.73
CA VAL A 52 15.25 -25.22 -6.30
C VAL A 52 14.99 -25.53 -4.84
N GLU A 53 15.31 -26.76 -4.47
CA GLU A 53 14.66 -27.44 -3.37
C GLU A 53 15.65 -28.26 -2.49
N PHE A 54 16.95 -28.22 -2.83
CA PHE A 54 17.87 -29.34 -2.52
C PHE A 54 18.80 -29.29 -1.31
N THR A 55 19.12 -30.47 -0.79
CA THR A 55 19.85 -30.65 0.47
C THR A 55 21.35 -30.33 0.42
N ASP A 56 21.73 -29.43 -0.49
CA ASP A 56 23.15 -29.22 -0.85
C ASP A 56 24.13 -28.86 0.25
N HIS A 57 25.37 -29.24 -0.02
CA HIS A 57 26.50 -28.39 0.28
C HIS A 57 27.13 -28.04 -1.07
N LEU A 58 26.86 -28.90 -2.05
CA LEU A 58 27.20 -28.62 -3.45
C LEU A 58 25.94 -28.52 -4.36
N PHE A 59 25.77 -29.51 -5.25
CA PHE A 59 24.73 -29.47 -6.29
C PHE A 59 24.08 -30.87 -6.49
N ASN A 60 23.43 -31.39 -5.46
CA ASN A 60 22.85 -32.76 -5.49
C ASN A 60 21.32 -32.83 -5.37
N ILE A 61 20.69 -33.66 -6.21
CA ILE A 61 19.21 -33.78 -6.31
C ILE A 61 18.47 -33.72 -4.92
N ALA A 62 17.19 -33.30 -4.89
CA ALA A 62 16.31 -33.36 -3.68
C ALA A 62 14.91 -32.79 -3.87
N LYS A 63 13.91 -33.67 -3.97
CA LYS A 63 12.61 -33.28 -4.52
C LYS A 63 11.40 -33.63 -3.64
N PRO A 64 10.57 -32.61 -3.30
CA PRO A 64 9.24 -32.75 -2.68
C PRO A 64 8.09 -32.57 -3.69
N ARG A 65 8.47 -32.17 -4.89
CA ARG A 65 7.58 -31.47 -5.79
C ARG A 65 6.38 -32.22 -6.40
N PRO A 66 6.40 -33.59 -6.42
CA PRO A 66 5.49 -34.29 -7.35
C PRO A 66 4.17 -33.60 -7.69
N PRO A 67 3.32 -33.28 -6.69
CA PRO A 67 2.01 -32.90 -7.14
C PRO A 67 1.89 -31.39 -7.37
N TRP A 68 0.91 -30.83 -6.68
CA TRP A 68 0.63 -29.41 -6.67
C TRP A 68 1.84 -28.48 -6.75
N MET A 69 2.99 -28.90 -6.23
CA MET A 69 4.21 -28.09 -6.38
C MET A 69 4.51 -27.99 -7.87
N GLY A 70 4.42 -26.77 -8.40
CA GLY A 70 4.76 -26.51 -9.78
C GLY A 70 6.15 -25.96 -9.79
N LEU A 71 6.32 -24.80 -10.42
CA LEU A 71 7.53 -24.05 -10.24
C LEU A 71 7.40 -23.39 -8.87
N LEU A 72 8.04 -24.00 -7.87
CA LEU A 72 7.87 -23.57 -6.49
C LEU A 72 9.06 -23.91 -5.62
N GLY A 73 9.73 -22.88 -5.10
CA GLY A 73 10.67 -23.08 -4.02
C GLY A 73 9.83 -23.65 -2.89
N PRO A 74 10.39 -24.60 -2.11
CA PRO A 74 9.56 -25.37 -1.18
C PRO A 74 8.75 -24.48 -0.26
N THR A 75 7.48 -24.85 -0.06
CA THR A 75 6.64 -24.20 0.92
C THR A 75 7.41 -24.26 2.24
N ILE A 76 7.90 -23.11 2.70
CA ILE A 76 8.61 -23.03 3.98
C ILE A 76 7.68 -22.50 5.07
N GLN A 77 7.67 -23.22 6.19
CA GLN A 77 6.77 -22.94 7.29
C GLN A 77 7.50 -22.65 8.59
N ALA A 78 7.26 -21.47 9.17
CA ALA A 78 7.79 -21.13 10.50
C ALA A 78 6.69 -20.64 11.44
N GLU A 79 6.82 -20.98 12.73
CA GLU A 79 5.82 -20.56 13.71
C GLU A 79 6.21 -19.26 14.46
N VAL A 80 5.21 -18.58 15.01
CA VAL A 80 5.33 -17.23 15.61
C VAL A 80 6.69 -16.84 16.16
N TYR A 81 7.33 -17.75 16.90
CA TYR A 81 8.54 -17.43 17.69
C TYR A 81 9.90 -17.87 17.10
N ASP A 82 9.86 -18.36 15.87
CA ASP A 82 11.01 -19.03 15.26
C ASP A 82 11.93 -18.16 14.42
N THR A 83 12.96 -18.80 13.88
CA THR A 83 14.07 -18.12 13.23
C THR A 83 14.61 -18.98 12.08
N VAL A 84 14.30 -18.57 10.84
CA VAL A 84 14.58 -19.38 9.63
C VAL A 84 15.85 -18.96 8.90
N VAL A 85 16.64 -19.95 8.48
CA VAL A 85 17.90 -19.70 7.78
C VAL A 85 18.05 -20.37 6.40
N ILE A 86 17.55 -19.64 5.40
CA ILE A 86 17.74 -19.96 4.01
C ILE A 86 19.18 -19.59 3.67
N THR A 87 19.90 -20.48 2.97
CA THR A 87 21.19 -20.12 2.40
C THR A 87 21.17 -20.45 0.91
N LEU A 88 21.06 -19.43 0.07
CA LEU A 88 20.85 -19.63 -1.36
C LEU A 88 22.17 -19.80 -2.12
N LYS A 89 22.32 -20.94 -2.84
CA LYS A 89 23.42 -21.12 -3.80
C LYS A 89 22.91 -20.80 -5.19
N ASN A 90 23.42 -19.73 -5.78
CA ASN A 90 22.94 -19.23 -7.08
C ASN A 90 23.64 -19.91 -8.24
N MET A 91 22.84 -20.33 -9.20
CA MET A 91 23.33 -20.93 -10.42
C MET A 91 22.42 -20.49 -11.59
N ALA A 92 22.90 -19.49 -12.35
CA ALA A 92 22.14 -18.85 -13.43
C ALA A 92 23.02 -17.79 -14.12
N SER A 93 22.70 -17.43 -15.37
CA SER A 93 23.32 -16.29 -16.06
C SER A 93 22.78 -14.97 -15.48
N HIS A 94 21.94 -15.14 -14.46
CA HIS A 94 21.16 -14.09 -13.87
C HIS A 94 21.80 -13.61 -12.56
N PRO A 95 21.78 -12.29 -12.31
CA PRO A 95 22.05 -11.83 -10.95
C PRO A 95 20.75 -11.89 -10.16
N VAL A 96 20.62 -12.84 -9.25
CA VAL A 96 19.32 -13.02 -8.57
C VAL A 96 19.31 -13.03 -7.04
N SER A 97 18.32 -12.32 -6.49
CA SER A 97 18.18 -12.07 -5.06
C SER A 97 17.25 -13.05 -4.35
N LEU A 98 16.94 -12.74 -3.10
CA LEU A 98 15.93 -13.45 -2.31
C LEU A 98 15.41 -12.45 -1.30
N HIS A 99 14.09 -12.28 -1.26
CA HIS A 99 13.44 -11.21 -0.50
C HIS A 99 12.08 -11.70 -0.02
N ALA A 100 11.78 -11.41 1.25
CA ALA A 100 10.53 -11.88 1.84
C ALA A 100 9.43 -10.83 1.85
N VAL A 101 8.30 -11.24 2.40
CA VAL A 101 7.24 -10.32 2.74
C VAL A 101 6.64 -10.88 4.05
N GLY A 102 5.82 -10.08 4.74
CA GLY A 102 5.09 -10.54 5.93
C GLY A 102 5.93 -10.93 7.13
N VAL A 103 7.24 -10.74 6.99
CA VAL A 103 8.23 -11.17 7.97
C VAL A 103 9.15 -10.00 8.24
N SER A 104 9.81 -10.02 9.40
CA SER A 104 10.85 -9.04 9.72
C SER A 104 12.27 -9.62 9.60
N TYR A 105 13.24 -8.72 9.42
CA TYR A 105 14.65 -9.07 9.34
C TYR A 105 15.50 -7.84 9.51
N TRP A 106 16.80 -8.05 9.48
CA TRP A 106 17.79 -7.00 9.58
C TRP A 106 18.15 -6.50 8.21
N LYS A 107 18.63 -5.25 8.14
CA LYS A 107 19.10 -4.68 6.88
C LYS A 107 20.27 -5.52 6.28
N ALA A 108 20.72 -6.52 7.05
CA ALA A 108 21.67 -7.57 6.58
C ALA A 108 20.98 -8.81 5.95
N SER A 109 19.72 -8.63 5.61
CA SER A 109 18.99 -9.46 4.68
C SER A 109 18.19 -8.50 3.85
N GLU A 110 16.87 -8.60 3.92
CA GLU A 110 15.97 -7.83 3.05
C GLU A 110 16.08 -8.35 1.62
N GLY A 111 17.30 -8.35 1.07
CA GLY A 111 17.56 -8.92 -0.26
C GLY A 111 17.07 -8.01 -1.36
N ALA A 112 17.11 -6.71 -1.08
CA ALA A 112 16.52 -5.71 -1.95
C ALA A 112 17.48 -4.55 -2.17
N GLU A 113 17.96 -4.41 -3.40
CA GLU A 113 18.98 -3.43 -3.71
C GLU A 113 18.38 -2.05 -3.94
N TYR A 114 19.03 -1.05 -3.36
CA TYR A 114 18.65 0.37 -3.41
C TYR A 114 19.37 0.87 -2.18
N ASP A 115 19.57 2.19 -2.06
CA ASP A 115 20.44 2.68 -1.01
C ASP A 115 19.77 2.82 0.35
N ASP A 116 19.58 1.68 1.03
CA ASP A 116 19.18 1.73 2.44
C ASP A 116 20.42 2.01 3.30
N GLN A 117 21.27 2.91 2.78
CA GLN A 117 22.50 3.38 3.43
C GLN A 117 23.55 2.32 3.64
N THR A 118 23.15 1.27 4.34
CA THR A 118 23.82 -0.02 4.35
C THR A 118 25.32 0.01 4.11
N SER A 119 26.06 -0.36 5.14
CA SER A 119 27.51 -0.51 5.05
C SER A 119 27.87 -1.59 4.05
N GLN A 120 29.16 -1.89 3.95
CA GLN A 120 29.64 -2.78 2.93
C GLN A 120 28.84 -4.10 2.96
N ARG A 121 28.98 -4.83 4.06
CA ARG A 121 28.41 -6.16 4.19
C ARG A 121 26.88 -6.16 4.27
N GLU A 122 26.29 -5.01 4.51
CA GLU A 122 24.82 -4.91 4.66
C GLU A 122 24.08 -4.83 3.31
N LYS A 123 24.83 -4.60 2.23
CA LYS A 123 24.27 -4.55 0.89
C LYS A 123 24.40 -5.86 0.09
N GLU A 124 25.35 -6.71 0.49
CA GLU A 124 25.61 -7.98 -0.22
C GLU A 124 24.44 -8.98 -0.22
N ASP A 125 23.45 -8.74 0.63
CA ASP A 125 22.22 -9.54 0.63
C ASP A 125 21.33 -9.11 -0.52
N ASP A 126 21.49 -7.85 -0.93
CA ASP A 126 20.60 -7.18 -1.88
C ASP A 126 20.64 -7.71 -3.32
N LYS A 127 21.80 -8.27 -3.71
CA LYS A 127 22.02 -8.87 -5.03
C LYS A 127 23.07 -9.98 -4.92
N VAL A 128 22.65 -11.23 -5.15
CA VAL A 128 23.59 -12.36 -5.20
C VAL A 128 24.20 -12.46 -6.61
N PHE A 129 25.40 -11.90 -6.76
CA PHE A 129 26.10 -11.84 -8.03
C PHE A 129 26.03 -13.23 -8.66
N PRO A 130 25.95 -13.32 -10.01
CA PRO A 130 25.63 -14.56 -10.77
C PRO A 130 26.55 -15.75 -10.48
N GLY A 131 25.96 -16.83 -9.96
CA GLY A 131 26.74 -17.97 -9.51
C GLY A 131 27.43 -17.68 -8.18
N GLY A 132 26.73 -16.99 -7.29
CA GLY A 132 27.29 -16.55 -6.02
C GLY A 132 27.15 -17.53 -4.87
N SER A 133 26.33 -17.14 -3.88
CA SER A 133 26.15 -17.85 -2.61
C SER A 133 25.99 -16.82 -1.48
N HIS A 134 24.91 -16.93 -0.72
CA HIS A 134 24.67 -16.08 0.46
C HIS A 134 23.70 -16.71 1.49
N THR A 135 23.94 -16.44 2.78
CA THR A 135 23.10 -16.88 3.89
C THR A 135 21.94 -15.90 4.06
N TYR A 136 20.86 -16.31 4.73
CA TYR A 136 19.72 -15.41 4.95
C TYR A 136 19.11 -15.45 6.35
N VAL A 137 19.03 -14.26 6.97
CA VAL A 137 18.68 -14.08 8.38
C VAL A 137 17.20 -13.67 8.48
N TRP A 138 16.34 -14.62 8.83
CA TRP A 138 14.88 -14.37 8.86
C TRP A 138 14.19 -14.61 10.21
N GLN A 139 13.41 -13.62 10.63
CA GLN A 139 12.76 -13.65 11.95
C GLN A 139 11.28 -13.42 11.86
N VAL A 140 10.54 -14.19 12.64
CA VAL A 140 9.18 -13.83 12.97
C VAL A 140 9.16 -13.35 14.42
N LEU A 141 8.77 -12.11 14.64
CA LEU A 141 8.53 -11.61 16.00
C LEU A 141 7.06 -11.81 16.33
N LYS A 142 6.65 -11.40 17.53
CA LYS A 142 5.25 -11.42 17.91
C LYS A 142 4.44 -10.49 16.99
N GLU A 143 5.03 -9.33 16.73
CA GLU A 143 4.47 -8.23 15.92
C GLU A 143 4.19 -8.59 14.45
N ASN A 144 4.68 -9.73 13.97
CA ASN A 144 4.35 -10.20 12.60
C ASN A 144 3.78 -11.62 12.53
N GLY A 145 3.40 -12.15 13.69
CA GLY A 145 2.59 -13.35 13.75
C GLY A 145 1.16 -12.92 13.48
N PRO A 146 0.23 -13.89 13.35
CA PRO A 146 -1.10 -13.61 12.85
C PRO A 146 -2.04 -13.20 13.97
N MET A 147 -2.95 -12.29 13.64
CA MET A 147 -3.79 -11.63 14.64
C MET A 147 -4.78 -12.54 15.37
N ALA A 148 -5.00 -12.19 16.62
CA ALA A 148 -5.91 -12.92 17.49
C ALA A 148 -6.89 -13.77 16.69
N SER A 149 -7.79 -13.16 15.91
CA SER A 149 -8.79 -13.94 15.21
C SER A 149 -8.81 -13.70 13.71
N ASP A 150 -8.22 -14.65 12.99
CA ASP A 150 -8.16 -14.65 11.54
C ASP A 150 -7.52 -16.00 11.15
N PRO A 151 -7.31 -16.26 9.83
CA PRO A 151 -6.52 -17.40 9.34
C PRO A 151 -5.52 -17.99 10.34
N LEU A 152 -5.74 -19.25 10.69
CA LEU A 152 -4.88 -20.00 11.60
C LEU A 152 -3.46 -19.78 11.19
N CYS A 153 -3.30 -19.61 9.89
CA CYS A 153 -2.01 -19.58 9.30
C CYS A 153 -1.90 -18.72 8.05
N LEU A 154 -1.03 -17.72 8.13
CA LEU A 154 -1.04 -16.68 7.12
C LEU A 154 -0.37 -17.02 5.81
N THR A 155 -1.04 -16.56 4.77
CA THR A 155 -0.58 -16.61 3.39
C THR A 155 0.55 -15.60 3.21
N TYR A 156 1.77 -16.07 2.93
CA TYR A 156 2.85 -15.18 2.48
C TYR A 156 3.76 -15.91 1.51
N SER A 157 4.35 -15.17 0.59
CA SER A 157 5.22 -15.77 -0.41
C SER A 157 6.64 -15.26 -0.23
N TYR A 158 7.63 -15.89 -0.89
CA TYR A 158 8.99 -15.34 -0.92
C TYR A 158 9.52 -15.06 -2.30
N LEU A 159 9.76 -13.80 -2.55
CA LEU A 159 10.03 -13.32 -3.87
C LEU A 159 11.50 -13.38 -4.19
N SER A 160 11.87 -12.80 -5.32
CA SER A 160 13.25 -12.47 -5.65
C SER A 160 13.27 -11.18 -6.45
N HIS A 161 13.97 -10.15 -5.93
CA HIS A 161 14.04 -8.86 -6.64
C HIS A 161 15.42 -8.15 -6.70
N VAL A 162 15.98 -8.22 -7.91
CA VAL A 162 17.11 -7.44 -8.35
C VAL A 162 16.55 -6.53 -9.44
N ASP A 163 16.05 -7.17 -10.52
CA ASP A 163 15.18 -6.59 -11.56
C ASP A 163 13.82 -7.26 -11.35
N LEU A 164 12.96 -6.59 -10.59
CA LEU A 164 11.69 -7.17 -10.18
C LEU A 164 10.97 -7.85 -11.33
N VAL A 165 10.80 -7.13 -12.45
CA VAL A 165 10.09 -7.66 -13.64
C VAL A 165 10.72 -8.97 -14.15
N LYS A 166 12.04 -8.97 -14.29
CA LYS A 166 12.82 -10.08 -14.85
C LYS A 166 12.81 -11.28 -13.89
N ASP A 167 13.28 -11.06 -12.67
CA ASP A 167 13.37 -12.10 -11.64
C ASP A 167 12.09 -12.89 -11.49
N LEU A 168 10.97 -12.25 -11.79
CA LEU A 168 9.68 -12.87 -11.62
C LEU A 168 9.28 -13.63 -12.88
N ASN A 169 8.89 -12.91 -13.92
CA ASN A 169 8.40 -13.57 -15.15
C ASN A 169 9.25 -14.76 -15.52
N SER A 170 10.56 -14.62 -15.35
CA SER A 170 11.50 -15.72 -15.50
C SER A 170 10.99 -16.98 -14.77
N GLY A 171 10.76 -16.90 -13.45
CA GLY A 171 10.15 -18.01 -12.69
C GLY A 171 10.61 -18.21 -11.25
N LEU A 172 11.02 -17.14 -10.58
CA LEU A 172 11.42 -17.17 -9.17
C LEU A 172 10.28 -16.76 -8.23
N ILE A 173 9.66 -17.75 -7.59
CA ILE A 173 8.63 -17.53 -6.57
C ILE A 173 8.37 -18.81 -5.75
N GLY A 174 8.25 -18.64 -4.44
CA GLY A 174 7.91 -19.72 -3.51
C GLY A 174 6.89 -19.29 -2.46
N ALA A 175 6.32 -20.27 -1.78
CA ALA A 175 5.39 -20.01 -0.70
C ALA A 175 6.13 -19.96 0.65
N LEU A 176 5.68 -19.08 1.53
CA LEU A 176 6.29 -18.87 2.83
C LEU A 176 5.18 -18.68 3.85
N LEU A 177 5.03 -19.64 4.77
CA LEU A 177 3.91 -19.57 5.71
C LEU A 177 4.35 -19.27 7.14
N VAL A 178 3.49 -18.59 7.90
CA VAL A 178 3.80 -18.19 9.26
C VAL A 178 2.56 -18.24 10.11
N CYS A 179 2.63 -18.86 11.29
CA CYS A 179 1.44 -18.98 12.19
C CYS A 179 1.68 -19.37 13.66
N ARG A 180 0.63 -19.31 14.47
CA ARG A 180 0.74 -19.37 15.95
C ARG A 180 1.50 -20.56 16.55
N GLU A 181 1.83 -20.44 17.83
CA GLU A 181 2.66 -21.42 18.56
C GLU A 181 2.13 -22.87 18.54
N GLY A 182 2.41 -23.59 17.44
CA GLY A 182 1.99 -24.99 17.29
C GLY A 182 1.75 -25.52 15.88
N SER A 183 2.83 -25.76 15.15
CA SER A 183 2.79 -26.52 13.90
C SER A 183 3.52 -27.83 14.15
N LEU A 184 4.84 -27.73 14.31
CA LEU A 184 5.72 -28.82 14.78
C LEU A 184 5.13 -29.70 15.92
N ALA A 185 4.12 -29.19 16.63
CA ALA A 185 3.50 -29.86 17.80
C ALA A 185 2.00 -30.14 17.66
N LYS A 186 1.28 -29.23 16.99
CA LYS A 186 -0.17 -29.37 16.80
C LYS A 186 -0.53 -29.60 15.34
N GLU A 187 0.47 -29.95 14.54
CA GLU A 187 0.26 -30.62 13.23
C GLU A 187 1.08 -31.93 13.16
N LYS A 188 1.80 -32.23 14.25
CA LYS A 188 2.35 -33.57 14.50
C LYS A 188 1.21 -34.43 15.05
N THR A 189 0.20 -33.75 15.60
CA THR A 189 -0.94 -34.40 16.23
C THR A 189 -2.27 -34.04 15.53
N GLN A 190 -2.25 -32.96 14.76
CA GLN A 190 -3.44 -32.49 14.01
C GLN A 190 -3.47 -32.96 12.56
N THR A 191 -4.68 -33.03 12.01
CA THR A 191 -4.88 -33.35 10.60
C THR A 191 -5.32 -32.07 9.87
N LEU A 192 -4.63 -31.74 8.78
CA LEU A 192 -5.02 -30.60 7.94
C LEU A 192 -4.79 -30.85 6.45
N HIS A 193 -5.80 -30.56 5.63
CA HIS A 193 -5.69 -30.71 4.18
C HIS A 193 -5.44 -29.36 3.53
N LYS A 194 -4.17 -29.09 3.27
CA LYS A 194 -3.79 -27.80 2.74
C LYS A 194 -2.84 -27.87 1.55
N PHE A 195 -3.13 -27.04 0.56
CA PHE A 195 -2.26 -26.87 -0.59
C PHE A 195 -1.95 -25.42 -0.84
N ILE A 196 -0.93 -25.20 -1.65
CA ILE A 196 -0.63 -23.88 -2.12
C ILE A 196 -0.85 -23.80 -3.65
N LEU A 197 -1.85 -23.02 -4.02
CA LEU A 197 -2.20 -22.77 -5.40
C LEU A 197 -1.61 -21.42 -5.78
N LEU A 198 -0.78 -21.40 -6.82
CA LEU A 198 -0.06 -20.18 -7.20
C LEU A 198 -0.66 -19.53 -8.44
N PHE A 199 -1.71 -18.73 -8.28
CA PHE A 199 -2.44 -18.16 -9.43
C PHE A 199 -1.62 -17.10 -10.17
N ALA A 200 -0.86 -17.55 -11.18
CA ALA A 200 0.26 -16.78 -11.75
C ALA A 200 0.33 -16.64 -13.28
N VAL A 201 0.84 -15.49 -13.74
CA VAL A 201 0.76 -15.04 -15.15
C VAL A 201 2.12 -14.67 -15.79
N PHE A 202 3.06 -15.61 -15.83
CA PHE A 202 4.38 -15.33 -16.41
C PHE A 202 4.26 -15.00 -17.89
N ASP A 203 4.97 -13.96 -18.34
CA ASP A 203 4.94 -13.54 -19.75
C ASP A 203 6.30 -13.67 -20.45
N GLU A 204 6.52 -14.75 -21.18
CA GLU A 204 7.85 -15.06 -21.74
C GLU A 204 8.52 -14.01 -22.64
N GLY A 205 7.84 -12.88 -22.85
CA GLY A 205 8.43 -11.73 -23.53
C GLY A 205 9.12 -10.81 -22.54
N LYS A 206 8.73 -10.93 -21.27
CA LYS A 206 9.33 -10.24 -20.12
C LYS A 206 10.14 -11.23 -19.28
N SER A 207 10.74 -12.22 -19.94
CA SER A 207 11.49 -13.29 -19.30
C SER A 207 12.88 -12.81 -18.93
N TRP A 208 13.76 -13.74 -18.60
CA TRP A 208 15.18 -13.45 -18.61
C TRP A 208 15.61 -13.35 -20.07
N HIS A 209 14.80 -13.92 -20.96
CA HIS A 209 15.18 -14.21 -22.37
C HIS A 209 14.65 -13.26 -23.45
N SER A 210 15.39 -13.18 -24.57
CA SER A 210 14.98 -12.44 -25.76
C SER A 210 14.89 -13.38 -26.95
N SER A 224 9.13 -13.97 -43.21
CA SER A 224 10.17 -14.03 -42.15
C SER A 224 9.60 -14.11 -40.72
N ALA A 225 10.51 -14.17 -39.74
CA ALA A 225 10.20 -14.35 -38.31
C ALA A 225 8.75 -14.00 -37.92
N ARG A 226 7.97 -15.03 -37.56
CA ARG A 226 6.54 -14.91 -37.22
C ARG A 226 6.07 -15.86 -36.07
N ALA A 227 6.28 -15.47 -34.81
CA ALA A 227 5.73 -16.18 -33.62
C ALA A 227 6.34 -15.72 -32.29
N TRP A 228 5.97 -14.51 -31.84
CA TRP A 228 6.61 -13.87 -30.66
C TRP A 228 6.06 -14.41 -29.29
N PRO A 229 6.83 -14.27 -28.18
CA PRO A 229 6.65 -15.04 -26.89
C PRO A 229 5.31 -14.93 -26.11
N LYS A 230 4.95 -15.99 -25.36
CA LYS A 230 3.65 -16.07 -24.66
C LYS A 230 3.41 -17.21 -23.60
N MET A 231 2.59 -16.91 -22.59
CA MET A 231 1.94 -17.83 -21.57
C MET A 231 0.93 -16.97 -20.75
N HIS A 232 0.30 -17.52 -19.68
CA HIS A 232 -0.72 -16.77 -18.85
C HIS A 232 -1.35 -17.51 -17.63
N THR A 233 -0.68 -18.48 -17.02
CA THR A 233 -1.50 -19.48 -16.31
C THR A 233 -1.10 -20.16 -14.97
N VAL A 234 -2.14 -20.59 -14.25
CA VAL A 234 -2.07 -21.24 -12.93
C VAL A 234 -0.92 -22.20 -12.69
N ASN A 235 -0.30 -22.00 -11.53
CA ASN A 235 0.71 -22.88 -10.98
C ASN A 235 1.85 -23.13 -11.96
N GLY A 236 1.65 -22.63 -13.17
CA GLY A 236 2.54 -22.88 -14.28
C GLY A 236 1.98 -24.01 -15.12
N TYR A 237 0.66 -24.17 -15.10
CA TYR A 237 0.02 -25.30 -15.76
C TYR A 237 -0.95 -24.82 -16.83
N VAL A 238 -0.53 -24.85 -18.09
CA VAL A 238 -0.94 -23.85 -19.07
C VAL A 238 -2.33 -24.14 -19.60
N ASN A 239 -2.84 -23.23 -20.42
CA ASN A 239 -3.82 -23.60 -21.48
C ASN A 239 -5.07 -24.35 -20.99
N ARG A 240 -4.83 -25.61 -20.61
CA ARG A 240 -5.82 -26.49 -19.99
C ARG A 240 -5.15 -27.49 -19.06
N SER A 241 -3.81 -27.42 -19.03
CA SER A 241 -2.98 -28.36 -18.26
C SER A 241 -3.56 -28.62 -16.90
N LEU A 242 -3.23 -29.79 -16.37
CA LEU A 242 -3.71 -30.20 -15.06
C LEU A 242 -2.49 -30.59 -14.21
N PRO A 243 -2.49 -30.26 -12.91
CA PRO A 243 -1.39 -30.60 -12.01
C PRO A 243 -1.44 -31.99 -11.37
N GLY A 244 -2.03 -32.11 -10.18
CA GLY A 244 -1.86 -33.33 -9.41
C GLY A 244 -3.02 -33.81 -8.55
N LEU A 245 -3.02 -33.41 -7.27
CA LEU A 245 -3.77 -34.12 -6.22
C LEU A 245 -5.08 -33.48 -5.70
N ILE A 246 -5.72 -34.25 -4.83
CA ILE A 246 -7.03 -34.00 -4.28
C ILE A 246 -7.03 -34.11 -2.74
N GLY A 247 -8.12 -33.68 -2.10
CA GLY A 247 -8.38 -33.87 -0.65
C GLY A 247 -9.66 -34.66 -0.36
N CYS A 248 -9.69 -35.31 0.81
CA CYS A 248 -10.81 -36.17 1.26
C CYS A 248 -12.17 -35.47 1.23
N HIS A 249 -13.26 -36.24 1.16
CA HIS A 249 -14.55 -35.68 0.76
C HIS A 249 -15.43 -35.09 1.86
N ARG A 250 -15.58 -35.81 2.97
CA ARG A 250 -16.54 -35.42 4.01
C ARG A 250 -16.13 -34.23 4.89
N LYS A 251 -15.02 -33.57 4.57
CA LYS A 251 -14.62 -32.41 5.35
C LYS A 251 -14.00 -31.29 4.53
N SER A 252 -13.15 -30.47 5.16
CA SER A 252 -12.71 -29.21 4.59
C SER A 252 -11.29 -29.23 4.06
N VAL A 253 -11.03 -28.37 3.08
CA VAL A 253 -9.72 -28.28 2.45
C VAL A 253 -9.29 -26.83 2.31
N TYR A 254 -8.12 -26.51 2.87
CA TYR A 254 -7.60 -25.13 2.92
C TYR A 254 -6.55 -24.87 1.87
N TRP A 255 -6.63 -23.73 1.18
CA TRP A 255 -5.58 -23.35 0.23
C TRP A 255 -5.04 -21.94 0.43
N HIS A 256 -3.72 -21.87 0.61
CA HIS A 256 -2.99 -20.59 0.62
C HIS A 256 -2.79 -20.20 -0.84
N VAL A 257 -3.43 -19.10 -1.22
CA VAL A 257 -3.53 -18.77 -2.60
C VAL A 257 -2.73 -17.50 -2.80
N ILE A 258 -1.71 -17.59 -3.65
CA ILE A 258 -0.80 -16.48 -3.92
C ILE A 258 -1.02 -15.85 -5.31
N GLY A 259 -1.50 -14.60 -5.32
CA GLY A 259 -1.68 -13.84 -6.58
C GLY A 259 -0.37 -13.35 -7.20
N MET A 260 -0.29 -13.37 -8.53
CA MET A 260 0.98 -13.09 -9.25
C MET A 260 0.89 -12.23 -10.52
N GLY A 261 2.06 -11.81 -11.01
CA GLY A 261 2.15 -11.09 -12.25
C GLY A 261 3.21 -10.01 -12.28
N THR A 262 3.26 -9.33 -13.41
CA THR A 262 4.16 -8.23 -13.62
C THR A 262 3.36 -7.07 -14.20
N THR A 263 2.04 -7.15 -14.06
CA THR A 263 1.12 -6.12 -14.55
C THR A 263 -0.21 -6.17 -13.79
N PRO A 264 -0.92 -5.02 -13.71
CA PRO A 264 -2.33 -4.97 -13.27
C PRO A 264 -3.31 -5.88 -14.05
N GLU A 265 -3.28 -7.18 -13.77
CA GLU A 265 -4.04 -8.14 -14.59
C GLU A 265 -4.96 -9.03 -13.75
N VAL A 266 -6.17 -8.53 -13.49
CA VAL A 266 -7.15 -9.15 -12.59
C VAL A 266 -7.77 -10.44 -13.10
N HIS A 267 -8.04 -11.36 -12.16
CA HIS A 267 -8.74 -12.63 -12.45
C HIS A 267 -10.02 -12.76 -11.60
N SER A 268 -10.64 -13.95 -11.59
CA SER A 268 -11.84 -14.22 -10.81
C SER A 268 -12.08 -15.72 -10.86
N ILE A 269 -11.76 -16.40 -9.76
CA ILE A 269 -11.60 -17.86 -9.76
C ILE A 269 -12.76 -18.63 -9.10
N PHE A 270 -13.12 -19.79 -9.66
CA PHE A 270 -14.25 -20.56 -9.13
C PHE A 270 -14.00 -22.07 -9.07
N LEU A 271 -14.84 -22.72 -8.29
CA LEU A 271 -15.25 -24.13 -8.46
C LEU A 271 -16.41 -24.43 -7.50
N GLU A 272 -16.93 -25.67 -7.52
CA GLU A 272 -18.26 -26.02 -6.97
C GLU A 272 -18.33 -26.41 -5.49
N GLY A 273 -19.14 -25.66 -4.76
CA GLY A 273 -18.90 -25.41 -3.36
C GLY A 273 -18.45 -23.95 -3.27
N HIS A 274 -18.67 -23.32 -2.13
CA HIS A 274 -18.71 -21.89 -2.13
C HIS A 274 -17.41 -21.13 -2.01
N THR A 275 -16.41 -21.67 -1.30
CA THR A 275 -15.07 -21.04 -1.07
C THR A 275 -15.11 -19.99 0.09
N PHE A 276 -15.77 -20.40 1.17
CA PHE A 276 -16.29 -19.49 2.20
C PHE A 276 -15.26 -18.77 3.06
N LEU A 277 -14.02 -19.26 3.17
CA LEU A 277 -13.03 -18.45 3.90
C LEU A 277 -12.54 -17.29 2.99
N VAL A 278 -12.60 -16.08 3.55
CA VAL A 278 -11.78 -14.94 3.14
C VAL A 278 -11.25 -14.36 4.48
N ARG A 279 -12.14 -13.79 5.28
CA ARG A 279 -12.01 -13.96 6.71
C ARG A 279 -12.98 -15.11 6.81
N ASN A 280 -13.65 -15.31 7.93
CA ASN A 280 -14.91 -16.03 7.82
C ASN A 280 -15.93 -15.01 7.27
N HIS A 281 -15.43 -14.13 6.40
CA HIS A 281 -16.26 -13.32 5.52
C HIS A 281 -16.38 -14.14 4.26
N ARG A 282 -17.61 -14.33 3.78
CA ARG A 282 -17.96 -15.59 3.09
C ARG A 282 -18.39 -15.52 1.61
N GLN A 283 -17.44 -15.89 0.75
CA GLN A 283 -17.33 -15.34 -0.60
C GLN A 283 -17.72 -16.23 -1.73
N ALA A 284 -18.28 -15.59 -2.76
CA ALA A 284 -18.81 -16.23 -3.96
C ALA A 284 -17.75 -16.88 -4.84
N SER A 285 -16.58 -16.25 -4.91
CA SER A 285 -15.55 -16.64 -5.85
C SER A 285 -14.29 -15.82 -5.64
N LEU A 286 -13.20 -16.50 -5.28
CA LEU A 286 -11.89 -15.87 -5.04
C LEU A 286 -11.48 -14.93 -6.15
N GLU A 287 -11.14 -13.71 -5.78
CA GLU A 287 -10.99 -12.67 -6.75
C GLU A 287 -9.58 -12.10 -6.68
N ILE A 288 -8.75 -12.41 -7.66
CA ILE A 288 -7.32 -12.09 -7.52
C ILE A 288 -6.81 -11.00 -8.45
N SER A 289 -5.97 -10.15 -7.89
CA SER A 289 -5.40 -8.97 -8.56
C SER A 289 -3.86 -8.96 -8.55
N PRO A 290 -3.21 -7.92 -9.16
CA PRO A 290 -1.76 -7.80 -9.26
C PRO A 290 -0.98 -8.76 -8.37
N ILE A 291 -0.72 -8.34 -7.13
CA ILE A 291 -0.07 -9.19 -6.14
C ILE A 291 -0.94 -9.31 -4.89
N THR A 292 -1.47 -10.51 -4.66
CA THR A 292 -2.51 -10.70 -3.66
C THR A 292 -2.34 -12.03 -2.96
N PHE A 293 -2.41 -12.00 -1.64
CA PHE A 293 -2.57 -13.22 -0.86
C PHE A 293 -3.29 -13.06 0.46
N LEU A 294 -4.51 -13.56 0.48
CA LEU A 294 -5.09 -14.08 1.70
C LEU A 294 -5.58 -15.50 1.37
N THR A 295 -5.98 -16.20 2.42
CA THR A 295 -6.05 -17.65 2.46
C THR A 295 -7.46 -18.14 2.82
N ALA A 296 -7.90 -19.17 2.12
CA ALA A 296 -9.33 -19.54 2.05
C ALA A 296 -9.60 -21.04 2.02
N GLN A 297 -10.83 -21.40 2.38
CA GLN A 297 -11.20 -22.80 2.55
C GLN A 297 -12.56 -23.12 1.99
N THR A 298 -12.79 -24.42 1.73
CA THR A 298 -14.06 -24.98 1.20
C THR A 298 -14.38 -26.37 1.70
N LEU A 299 -15.63 -26.75 1.53
CA LEU A 299 -16.08 -28.10 1.84
C LEU A 299 -16.13 -28.93 0.56
N LEU A 300 -16.86 -30.04 0.58
CA LEU A 300 -16.93 -30.96 -0.57
C LEU A 300 -18.22 -31.80 -0.65
N MET A 301 -18.48 -32.36 -1.84
CA MET A 301 -19.65 -33.24 -2.05
C MET A 301 -19.26 -34.69 -2.41
N ASP A 302 -18.69 -34.91 -3.61
CA ASP A 302 -18.04 -36.19 -4.02
C ASP A 302 -17.16 -36.20 -5.31
N LEU A 303 -16.68 -37.41 -5.70
CA LEU A 303 -15.58 -37.65 -6.74
C LEU A 303 -15.45 -36.62 -7.88
N GLY A 304 -16.59 -36.08 -8.29
CA GLY A 304 -16.65 -35.06 -9.32
C GLY A 304 -15.43 -34.18 -9.21
N GLN A 305 -14.46 -34.45 -10.07
CA GLN A 305 -13.36 -33.54 -10.16
C GLN A 305 -13.97 -32.23 -10.64
N PHE A 306 -13.95 -31.25 -9.74
CA PHE A 306 -14.60 -30.00 -10.04
C PHE A 306 -13.75 -29.02 -10.85
N LEU A 307 -14.50 -28.31 -11.68
CA LEU A 307 -14.04 -27.54 -12.82
C LEU A 307 -13.41 -26.25 -12.26
N LEU A 308 -12.25 -25.79 -12.78
CA LEU A 308 -11.53 -24.64 -12.15
C LEU A 308 -11.22 -23.39 -13.00
N PHE A 309 -12.14 -22.43 -12.99
CA PHE A 309 -12.13 -21.32 -13.95
C PHE A 309 -11.16 -20.19 -13.63
N CYS A 310 -10.89 -19.39 -14.66
CA CYS A 310 -10.46 -18.02 -14.52
C CYS A 310 -11.67 -17.17 -14.90
N HIS A 311 -12.61 -17.79 -15.60
CA HIS A 311 -13.91 -17.23 -15.95
C HIS A 311 -13.94 -15.75 -16.28
N ILE A 312 -13.14 -15.34 -17.26
CA ILE A 312 -13.30 -14.03 -17.90
C ILE A 312 -13.09 -14.20 -19.41
N SER A 313 -13.76 -13.40 -20.22
CA SER A 313 -13.67 -13.57 -21.67
C SER A 313 -12.23 -13.57 -22.19
N SER A 314 -11.47 -12.56 -21.82
CA SER A 314 -10.11 -12.35 -22.35
C SER A 314 -9.08 -13.39 -21.89
N HIS A 315 -9.08 -13.68 -20.60
CA HIS A 315 -8.11 -14.60 -20.00
C HIS A 315 -8.43 -16.04 -20.39
N GLN A 316 -9.70 -16.28 -20.68
CA GLN A 316 -10.25 -17.60 -21.02
C GLN A 316 -9.37 -18.39 -22.00
N HIS A 317 -9.58 -18.24 -23.31
CA HIS A 317 -8.83 -18.99 -24.34
C HIS A 317 -7.45 -19.45 -23.82
N ASP A 318 -6.60 -18.50 -23.39
CA ASP A 318 -5.27 -18.83 -22.87
C ASP A 318 -5.25 -18.94 -21.33
N GLY A 319 -6.24 -19.64 -20.79
CA GLY A 319 -6.58 -19.55 -19.36
C GLY A 319 -6.18 -20.69 -18.43
N MET A 320 -6.69 -20.59 -17.20
CA MET A 320 -6.22 -21.38 -16.08
C MET A 320 -7.24 -22.46 -15.73
N GLU A 321 -6.76 -23.62 -15.34
CA GLU A 321 -7.62 -24.78 -15.11
C GLU A 321 -6.95 -25.76 -14.15
N ALA A 322 -7.75 -26.54 -13.43
CA ALA A 322 -7.26 -27.72 -12.69
C ALA A 322 -8.38 -28.51 -12.02
N TYR A 323 -8.11 -29.77 -11.73
CA TYR A 323 -9.19 -30.62 -11.21
C TYR A 323 -9.17 -30.81 -9.69
N VAL A 324 -10.04 -31.68 -9.17
CA VAL A 324 -10.20 -31.93 -7.74
C VAL A 324 -10.99 -33.21 -7.41
N LYS A 325 -10.28 -34.34 -7.30
CA LYS A 325 -10.91 -35.69 -7.26
C LYS A 325 -11.74 -36.13 -6.01
N VAL A 326 -12.03 -35.19 -5.10
CA VAL A 326 -12.87 -35.42 -3.90
C VAL A 326 -13.21 -36.89 -3.55
N ASP A 327 -12.25 -37.67 -3.06
CA ASP A 327 -12.50 -39.11 -2.89
C ASP A 327 -12.88 -39.60 -1.48
N SER A 328 -13.25 -40.89 -1.38
CA SER A 328 -13.56 -41.58 -0.10
C SER A 328 -12.31 -41.58 0.77
N CYS A 329 -12.40 -42.09 1.99
CA CYS A 329 -11.33 -41.79 2.96
C CYS A 329 -10.37 -42.85 3.53
N PRO A 330 -9.09 -42.44 3.74
CA PRO A 330 -8.08 -43.14 4.53
C PRO A 330 -8.41 -43.30 6.03
N GLU A 331 -8.67 -42.18 6.74
CA GLU A 331 -8.75 -42.17 8.23
C GLU A 331 -9.80 -43.08 8.92
N GLU A 332 -10.57 -43.82 8.12
CA GLU A 332 -11.28 -45.00 8.62
C GLU A 332 -10.66 -46.28 8.00
N PRO A 333 -9.92 -47.08 8.82
CA PRO A 333 -9.31 -48.34 8.36
C PRO A 333 -10.25 -49.54 8.49
N LYS A 377 -43.95 -20.40 12.10
CA LYS A 377 -42.97 -19.43 11.60
C LYS A 377 -41.79 -20.17 10.93
N HIS A 378 -42.14 -21.19 10.14
CA HIS A 378 -41.23 -22.22 9.62
C HIS A 378 -40.40 -21.80 8.39
N PRO A 379 -40.02 -22.78 7.53
CA PRO A 379 -39.31 -22.47 6.28
C PRO A 379 -40.25 -22.34 5.08
N LYS A 380 -40.00 -21.33 4.24
CA LYS A 380 -40.94 -21.00 3.17
C LYS A 380 -40.85 -21.98 2.00
N THR A 381 -41.76 -21.80 1.05
CA THR A 381 -41.80 -22.60 -0.18
C THR A 381 -42.28 -21.71 -1.36
N TRP A 382 -41.32 -21.08 -2.05
CA TRP A 382 -41.54 -20.01 -3.06
C TRP A 382 -41.96 -20.51 -4.43
N VAL A 383 -42.63 -19.66 -5.21
CA VAL A 383 -43.11 -20.07 -6.53
C VAL A 383 -42.99 -19.01 -7.61
N HIS A 384 -42.42 -19.45 -8.73
CA HIS A 384 -42.16 -18.58 -9.87
C HIS A 384 -42.49 -19.23 -11.21
N TYR A 385 -43.49 -18.65 -11.88
CA TYR A 385 -43.75 -18.96 -13.25
C TYR A 385 -43.05 -17.87 -14.08
N ILE A 386 -41.92 -18.22 -14.68
CA ILE A 386 -41.14 -17.33 -15.54
C ILE A 386 -41.05 -17.89 -16.95
N ALA A 387 -41.16 -16.99 -17.92
CA ALA A 387 -40.98 -17.33 -19.32
C ALA A 387 -39.77 -16.57 -19.80
N ALA A 388 -39.03 -17.16 -20.74
CA ALA A 388 -38.06 -16.38 -21.51
C ALA A 388 -38.79 -15.91 -22.75
N GLU A 389 -38.64 -14.64 -23.09
CA GLU A 389 -39.56 -14.04 -24.04
C GLU A 389 -38.95 -12.87 -24.80
N GLU A 390 -39.19 -12.83 -26.10
CA GLU A 390 -38.64 -11.82 -26.99
C GLU A 390 -39.50 -10.56 -26.96
N GLU A 391 -38.83 -9.42 -27.01
CA GLU A 391 -39.47 -8.10 -26.91
C GLU A 391 -38.63 -7.13 -27.75
N ASP A 392 -38.78 -5.82 -27.54
CA ASP A 392 -37.88 -4.82 -28.12
C ASP A 392 -37.27 -3.99 -27.00
N TRP A 393 -36.04 -3.50 -27.19
CA TRP A 393 -35.43 -2.66 -26.16
C TRP A 393 -34.92 -1.31 -26.62
N ASP A 394 -35.54 -0.24 -26.10
CA ASP A 394 -35.03 1.13 -26.27
C ASP A 394 -34.17 1.49 -25.06
N TYR A 395 -32.86 1.42 -25.22
CA TYR A 395 -31.92 1.71 -24.13
C TYR A 395 -32.04 3.14 -23.59
N ALA A 396 -32.42 4.09 -24.44
CA ALA A 396 -32.43 5.52 -24.08
C ALA A 396 -33.71 6.25 -24.52
N PRO A 397 -34.86 5.91 -23.91
CA PRO A 397 -36.13 6.42 -24.37
C PRO A 397 -36.35 7.87 -23.92
N LEU A 398 -36.57 8.04 -22.62
CA LEU A 398 -36.80 9.35 -21.99
C LEU A 398 -35.98 10.44 -22.68
N VAL A 399 -34.65 10.31 -22.62
CA VAL A 399 -33.71 11.29 -23.19
C VAL A 399 -33.11 10.81 -24.53
N LEU A 400 -33.06 11.74 -25.49
CA LEU A 400 -32.43 11.54 -26.80
C LEU A 400 -32.05 12.89 -27.41
N ALA A 401 -30.83 13.01 -27.95
CA ALA A 401 -30.39 14.23 -28.63
C ALA A 401 -29.19 14.05 -29.60
N PRO A 402 -29.22 12.98 -30.43
CA PRO A 402 -28.06 12.64 -31.27
C PRO A 402 -27.98 13.29 -32.68
N ASP A 403 -26.80 13.16 -33.29
CA ASP A 403 -26.58 13.34 -34.74
C ASP A 403 -25.28 12.64 -35.13
N ASP A 404 -24.23 13.41 -35.44
CA ASP A 404 -22.84 12.93 -35.35
C ASP A 404 -22.22 13.75 -34.25
N ARG A 405 -23.12 14.37 -33.48
CA ARG A 405 -22.85 15.41 -32.50
C ARG A 405 -22.01 14.96 -31.32
N SER A 406 -21.84 13.64 -31.15
CA SER A 406 -21.15 13.08 -29.98
C SER A 406 -20.63 11.64 -30.16
N TYR A 407 -20.01 11.11 -29.11
CA TYR A 407 -19.70 9.69 -29.00
C TYR A 407 -20.98 8.94 -28.73
N LYS A 408 -21.91 9.60 -28.03
CA LYS A 408 -23.26 9.06 -27.84
C LYS A 408 -24.06 9.10 -29.14
N SER A 409 -23.81 10.11 -29.97
CA SER A 409 -24.47 10.28 -31.25
C SER A 409 -24.21 9.10 -32.16
N GLN A 410 -23.02 8.50 -31.99
CA GLN A 410 -22.59 7.35 -32.79
C GLN A 410 -23.29 6.03 -32.46
N TYR A 411 -23.83 5.90 -31.25
CA TYR A 411 -24.36 4.60 -30.77
C TYR A 411 -25.66 4.13 -31.47
N LEU A 412 -25.81 2.80 -31.59
CA LEU A 412 -26.82 2.12 -32.43
C LEU A 412 -26.58 2.16 -33.96
N ASN A 413 -26.57 0.96 -34.56
CA ASN A 413 -26.63 0.74 -36.02
C ASN A 413 -25.85 1.71 -36.91
N ASN A 414 -24.53 1.52 -36.97
CA ASN A 414 -23.61 2.44 -37.66
C ASN A 414 -23.67 2.35 -39.21
N GLY A 415 -24.86 2.61 -39.75
CA GLY A 415 -25.05 2.86 -41.17
C GLY A 415 -25.79 4.18 -41.24
N PRO A 416 -27.06 4.15 -41.70
CA PRO A 416 -27.97 5.28 -41.43
C PRO A 416 -28.48 5.44 -39.98
N GLN A 417 -29.32 4.51 -39.49
CA GLN A 417 -30.12 4.72 -38.25
C GLN A 417 -29.31 4.78 -36.96
N ARG A 418 -29.57 5.82 -36.14
CA ARG A 418 -28.63 6.25 -35.08
C ARG A 418 -29.19 7.16 -33.93
N ILE A 419 -30.51 7.33 -33.87
CA ILE A 419 -31.15 8.16 -32.83
C ILE A 419 -31.11 7.51 -31.42
N GLY A 420 -32.16 7.70 -30.62
CA GLY A 420 -32.35 6.91 -29.39
C GLY A 420 -32.47 5.44 -29.78
N ARG A 421 -31.70 4.58 -29.14
CA ARG A 421 -31.32 3.25 -29.68
C ARG A 421 -32.20 2.04 -29.38
N LYS A 422 -32.75 1.43 -30.43
CA LYS A 422 -33.74 0.34 -30.32
C LYS A 422 -33.24 -0.98 -30.90
N TYR A 423 -33.21 -2.03 -30.07
CA TYR A 423 -32.81 -3.37 -30.51
C TYR A 423 -33.85 -4.42 -30.07
N LYS A 424 -33.84 -5.59 -30.72
CA LYS A 424 -34.73 -6.70 -30.33
C LYS A 424 -34.00 -7.66 -29.40
N LYS A 425 -34.48 -7.71 -28.16
CA LYS A 425 -33.89 -8.55 -27.11
C LYS A 425 -34.80 -9.68 -26.63
N VAL A 426 -34.22 -10.55 -25.80
CA VAL A 426 -34.96 -11.64 -25.16
C VAL A 426 -34.69 -11.66 -23.65
N ARG A 427 -35.55 -10.98 -22.89
CA ARG A 427 -35.41 -10.96 -21.43
C ARG A 427 -36.41 -11.87 -20.73
N PHE A 428 -35.94 -12.53 -19.68
CA PHE A 428 -36.78 -13.25 -18.76
C PHE A 428 -37.98 -12.40 -18.35
N MET A 429 -39.15 -13.03 -18.28
CA MET A 429 -40.32 -12.36 -17.77
C MET A 429 -41.28 -13.39 -17.18
N ALA A 430 -41.77 -13.10 -15.97
CA ALA A 430 -42.61 -14.03 -15.22
C ALA A 430 -44.09 -13.82 -15.46
N TYR A 431 -44.85 -14.92 -15.41
CA TYR A 431 -46.31 -14.91 -15.60
C TYR A 431 -47.04 -15.32 -14.31
N THR A 432 -48.37 -15.24 -14.35
CA THR A 432 -49.16 -15.41 -13.15
C THR A 432 -49.28 -16.86 -12.77
N ASP A 433 -49.57 -17.72 -13.74
CA ASP A 433 -49.83 -19.13 -13.48
C ASP A 433 -49.58 -19.98 -14.72
N GLU A 434 -49.70 -21.29 -14.55
CA GLU A 434 -49.41 -22.28 -15.60
C GLU A 434 -49.97 -21.90 -16.98
N THR A 435 -51.21 -21.42 -16.99
CA THR A 435 -51.75 -20.74 -18.15
C THR A 435 -50.91 -19.48 -18.38
N PHE A 436 -49.85 -19.62 -19.17
CA PHE A 436 -48.88 -18.53 -19.31
C PHE A 436 -49.45 -17.34 -20.08
N LYS A 437 -50.56 -16.80 -19.59
CA LYS A 437 -51.26 -15.74 -20.29
C LYS A 437 -51.14 -14.38 -19.64
N THR A 438 -51.53 -14.28 -18.37
CA THR A 438 -51.61 -12.97 -17.70
C THR A 438 -50.22 -12.32 -17.48
N ARG A 439 -49.99 -11.28 -18.30
CA ARG A 439 -48.83 -10.39 -18.24
C ARG A 439 -48.54 -9.96 -16.80
N GLU A 440 -47.34 -10.24 -16.31
CA GLU A 440 -46.98 -9.78 -14.96
C GLU A 440 -46.57 -8.32 -14.97
N ALA A 441 -47.34 -7.48 -14.25
CA ALA A 441 -47.08 -6.04 -14.18
C ALA A 441 -45.59 -5.79 -13.93
N ILE A 442 -45.00 -4.97 -14.78
CA ILE A 442 -43.53 -4.85 -14.87
C ILE A 442 -42.97 -3.85 -13.84
N GLN A 443 -41.65 -3.90 -13.66
CA GLN A 443 -40.89 -2.96 -12.83
C GLN A 443 -39.96 -2.06 -13.67
N HIS A 444 -40.58 -1.10 -14.36
CA HIS A 444 -39.92 -0.14 -15.26
C HIS A 444 -38.67 0.56 -14.70
N GLU A 445 -38.21 0.17 -13.52
CA GLU A 445 -36.90 0.56 -13.00
C GLU A 445 -35.86 -0.54 -13.23
N SER A 446 -36.29 -1.80 -13.23
CA SER A 446 -35.38 -2.93 -13.42
C SER A 446 -35.12 -3.18 -14.90
N GLY A 447 -35.78 -2.39 -15.75
CA GLY A 447 -35.60 -2.43 -17.20
C GLY A 447 -35.54 -3.84 -17.73
N ILE A 448 -34.37 -4.22 -18.22
CA ILE A 448 -34.17 -5.53 -18.81
C ILE A 448 -34.25 -6.67 -17.80
N LEU A 449 -33.97 -6.37 -16.52
CA LEU A 449 -33.78 -7.39 -15.47
C LEU A 449 -34.93 -8.35 -15.26
N GLY A 450 -34.61 -9.60 -14.93
CA GLY A 450 -35.62 -10.64 -14.67
C GLY A 450 -36.35 -10.35 -13.38
N PRO A 451 -37.43 -11.09 -13.10
CA PRO A 451 -38.19 -10.92 -11.85
C PRO A 451 -37.29 -11.15 -10.62
N LEU A 452 -37.51 -10.41 -9.53
CA LEU A 452 -36.62 -10.46 -8.36
C LEU A 452 -36.77 -11.75 -7.55
N LEU A 453 -35.80 -12.64 -7.71
CA LEU A 453 -35.90 -13.93 -7.04
C LEU A 453 -35.30 -13.91 -5.65
N TYR A 454 -35.99 -14.57 -4.73
CA TYR A 454 -35.69 -14.50 -3.30
C TYR A 454 -36.00 -15.82 -2.62
N GLY A 455 -35.13 -16.21 -1.69
CA GLY A 455 -35.31 -17.39 -0.86
C GLY A 455 -34.30 -17.46 0.27
N GLU A 456 -34.81 -17.48 1.51
CA GLU A 456 -33.97 -17.56 2.72
C GLU A 456 -33.37 -18.93 2.87
N VAL A 457 -32.39 -19.07 3.73
CA VAL A 457 -31.86 -20.38 4.02
C VAL A 457 -33.01 -21.24 4.51
N GLY A 458 -33.09 -22.46 4.00
CA GLY A 458 -34.09 -23.45 4.42
C GLY A 458 -35.29 -23.63 3.49
N ASP A 459 -35.43 -22.68 2.56
CA ASP A 459 -36.57 -22.63 1.65
C ASP A 459 -36.27 -23.37 0.36
N THR A 460 -37.34 -23.49 -0.43
CA THR A 460 -37.33 -24.27 -1.63
C THR A 460 -38.02 -23.41 -2.70
N LEU A 461 -37.33 -23.18 -3.82
CA LEU A 461 -37.89 -22.43 -4.94
C LEU A 461 -38.40 -23.38 -6.02
N LEU A 462 -39.73 -23.44 -6.20
CA LEU A 462 -40.35 -24.19 -7.31
C LEU A 462 -40.47 -23.22 -8.46
N ILE A 463 -39.53 -23.29 -9.39
CA ILE A 463 -39.43 -22.34 -10.49
C ILE A 463 -39.84 -22.99 -11.82
N ILE A 464 -41.07 -22.68 -12.23
CA ILE A 464 -41.72 -23.29 -13.38
C ILE A 464 -41.59 -22.40 -14.60
N PHE A 465 -40.83 -22.90 -15.57
CA PHE A 465 -40.22 -22.11 -16.62
C PHE A 465 -40.60 -22.46 -18.07
N LYS A 466 -41.24 -21.51 -18.76
CA LYS A 466 -41.63 -21.63 -20.18
C LYS A 466 -40.70 -20.87 -21.09
N ASN A 467 -40.36 -21.49 -22.21
CA ASN A 467 -39.74 -20.76 -23.30
C ASN A 467 -40.86 -20.28 -24.22
N GLN A 468 -40.79 -19.01 -24.56
CA GLN A 468 -41.72 -18.44 -25.51
C GLN A 468 -40.91 -17.59 -26.48
N ALA A 469 -39.66 -18.01 -26.66
CA ALA A 469 -38.78 -17.47 -27.66
C ALA A 469 -38.31 -18.64 -28.52
N SER A 470 -38.26 -18.43 -29.83
CA SER A 470 -37.88 -19.48 -30.79
C SER A 470 -36.57 -20.20 -30.44
N ARG A 471 -35.45 -19.48 -30.58
CA ARG A 471 -34.10 -20.00 -30.34
C ARG A 471 -33.90 -20.40 -28.86
N PRO A 472 -33.93 -21.72 -28.55
CA PRO A 472 -34.14 -22.29 -27.20
C PRO A 472 -33.10 -21.93 -26.12
N TYR A 473 -33.58 -21.72 -24.88
CA TYR A 473 -32.73 -21.45 -23.69
C TYR A 473 -33.15 -22.26 -22.42
N ASN A 474 -32.55 -21.93 -21.25
CA ASN A 474 -32.96 -22.47 -19.91
C ASN A 474 -32.85 -21.49 -18.70
N ILE A 475 -32.63 -22.02 -17.49
CA ILE A 475 -32.48 -21.23 -16.23
C ILE A 475 -31.62 -21.88 -15.15
N TYR A 476 -30.56 -21.19 -14.75
CA TYR A 476 -29.77 -21.68 -13.67
C TYR A 476 -29.33 -20.55 -12.77
N PRO A 477 -29.45 -20.78 -11.44
CA PRO A 477 -29.04 -19.81 -10.45
C PRO A 477 -27.57 -20.00 -10.02
N HIS A 478 -26.75 -18.99 -10.27
CA HIS A 478 -25.42 -18.90 -9.68
C HIS A 478 -25.68 -18.49 -8.24
N GLY A 479 -25.47 -19.44 -7.32
CA GLY A 479 -25.82 -19.27 -5.90
C GLY A 479 -26.07 -20.59 -5.17
N ILE A 480 -27.24 -21.18 -5.43
CA ILE A 480 -27.59 -22.46 -4.81
C ILE A 480 -26.90 -23.64 -5.51
N THR A 481 -26.75 -24.73 -4.76
CA THR A 481 -26.08 -25.90 -5.26
C THR A 481 -27.04 -27.08 -5.40
N ASP A 482 -28.15 -27.04 -4.68
CA ASP A 482 -29.15 -28.12 -4.75
C ASP A 482 -30.25 -27.78 -5.79
N VAL A 483 -29.89 -27.83 -7.06
CA VAL A 483 -30.84 -27.52 -8.13
C VAL A 483 -31.15 -28.74 -9.01
N ARG A 484 -32.35 -29.26 -8.82
CA ARG A 484 -32.76 -30.54 -9.39
C ARG A 484 -34.18 -30.38 -9.94
N PRO A 485 -34.49 -31.04 -11.07
CA PRO A 485 -35.83 -30.94 -11.65
C PRO A 485 -36.89 -31.36 -10.65
N LEU A 486 -38.01 -30.66 -10.64
CA LEU A 486 -39.00 -30.76 -9.56
C LEU A 486 -39.17 -32.16 -8.99
N TYR A 487 -39.74 -33.06 -9.77
CA TYR A 487 -40.23 -34.30 -9.20
C TYR A 487 -39.22 -35.42 -9.05
N SER A 488 -38.26 -35.50 -9.97
CA SER A 488 -37.29 -36.59 -9.92
C SER A 488 -35.88 -36.09 -9.72
N ARG A 489 -34.97 -37.03 -9.48
CA ARG A 489 -33.56 -36.74 -9.48
C ARG A 489 -32.99 -37.32 -10.81
N ARG A 490 -33.75 -37.17 -11.91
CA ARG A 490 -33.31 -37.59 -13.25
C ARG A 490 -32.27 -36.64 -13.84
N LEU A 491 -31.79 -36.98 -15.03
CA LEU A 491 -31.10 -36.00 -15.85
C LEU A 491 -31.72 -36.09 -17.25
N PRO A 492 -32.23 -34.95 -17.78
CA PRO A 492 -33.06 -34.97 -18.99
C PRO A 492 -32.59 -36.04 -19.95
N LYS A 493 -33.09 -37.25 -19.73
CA LYS A 493 -32.80 -38.42 -20.58
C LYS A 493 -31.32 -38.61 -21.02
N GLY A 494 -30.54 -37.54 -21.11
CA GLY A 494 -29.23 -37.62 -21.76
C GLY A 494 -28.07 -36.79 -21.25
N VAL A 495 -28.34 -35.58 -20.77
CA VAL A 495 -27.26 -34.61 -20.45
C VAL A 495 -26.61 -34.71 -19.05
N LYS A 496 -25.38 -34.21 -18.93
CA LYS A 496 -24.60 -34.33 -17.68
C LYS A 496 -25.05 -33.46 -16.48
N HIS A 497 -25.66 -32.31 -16.74
CA HIS A 497 -26.43 -31.53 -15.72
C HIS A 497 -27.12 -30.23 -16.20
N LEU A 498 -28.34 -30.01 -15.68
CA LEU A 498 -29.33 -29.06 -16.20
C LEU A 498 -28.93 -27.77 -16.89
N LYS A 499 -27.84 -27.15 -16.43
CA LYS A 499 -27.33 -25.97 -17.12
C LYS A 499 -26.70 -26.39 -18.44
N ASP A 500 -27.17 -27.52 -18.96
CA ASP A 500 -26.58 -28.13 -20.15
C ASP A 500 -27.20 -27.78 -21.50
N PHE A 501 -28.38 -28.35 -21.76
CA PHE A 501 -29.00 -28.28 -23.10
C PHE A 501 -30.55 -28.05 -23.06
N PRO A 502 -31.22 -28.36 -21.91
CA PRO A 502 -32.66 -28.56 -22.00
C PRO A 502 -33.51 -27.32 -22.46
N ILE A 503 -34.83 -27.54 -22.60
CA ILE A 503 -35.87 -26.53 -22.98
C ILE A 503 -35.81 -25.90 -24.39
N LEU A 504 -36.68 -26.42 -25.26
CA LEU A 504 -36.88 -25.96 -26.62
C LEU A 504 -37.95 -24.88 -26.62
N PRO A 505 -38.21 -24.26 -27.80
CA PRO A 505 -39.37 -23.39 -27.92
C PRO A 505 -40.61 -24.14 -27.50
N GLY A 506 -41.50 -23.45 -26.79
CA GLY A 506 -42.78 -24.03 -26.41
C GLY A 506 -42.80 -24.76 -25.08
N GLU A 507 -41.97 -25.79 -24.94
CA GLU A 507 -42.00 -26.68 -23.77
C GLU A 507 -41.67 -25.99 -22.43
N ILE A 508 -42.26 -26.47 -21.34
CA ILE A 508 -42.08 -25.92 -19.99
C ILE A 508 -41.42 -26.95 -19.08
N PHE A 509 -40.58 -26.48 -18.16
CA PHE A 509 -39.85 -27.36 -17.21
C PHE A 509 -40.04 -26.89 -15.77
N LYS A 510 -40.38 -27.82 -14.88
CA LYS A 510 -40.51 -27.49 -13.48
C LYS A 510 -39.20 -27.78 -12.74
N TYR A 511 -38.51 -26.72 -12.30
CA TYR A 511 -37.23 -26.83 -11.61
C TYR A 511 -37.42 -26.70 -10.11
N LYS A 512 -36.57 -27.36 -9.32
CA LYS A 512 -36.53 -27.16 -7.85
C LYS A 512 -35.16 -26.67 -7.37
N TRP A 513 -35.21 -25.47 -6.78
CA TRP A 513 -34.08 -24.85 -6.10
C TRP A 513 -34.27 -24.91 -4.57
N THR A 514 -33.48 -25.75 -3.89
CA THR A 514 -33.49 -25.86 -2.44
C THR A 514 -32.25 -25.17 -1.87
N VAL A 515 -32.47 -24.28 -0.90
CA VAL A 515 -31.41 -23.43 -0.38
C VAL A 515 -31.04 -23.81 1.03
N THR A 516 -29.75 -24.03 1.23
CA THR A 516 -29.25 -24.52 2.51
C THR A 516 -28.21 -23.58 3.08
N VAL A 517 -27.83 -23.80 4.34
CA VAL A 517 -27.05 -22.79 5.08
C VAL A 517 -25.75 -22.44 4.39
N GLU A 518 -25.23 -23.39 3.62
CA GLU A 518 -23.91 -23.30 3.02
C GLU A 518 -23.83 -22.23 1.95
N ASP A 519 -24.93 -22.02 1.22
CA ASP A 519 -24.99 -21.04 0.12
C ASP A 519 -25.60 -19.70 0.50
N GLY A 520 -25.92 -19.57 1.78
CA GLY A 520 -26.41 -18.31 2.31
C GLY A 520 -25.40 -17.64 3.22
N PRO A 521 -25.76 -16.45 3.74
CA PRO A 521 -24.82 -15.64 4.46
C PRO A 521 -24.43 -16.33 5.75
N THR A 522 -23.94 -15.54 6.69
CA THR A 522 -23.45 -16.09 7.93
C THR A 522 -23.47 -15.08 9.05
N LYS A 523 -22.85 -15.46 10.16
CA LYS A 523 -22.81 -14.59 11.32
C LYS A 523 -21.83 -13.45 11.06
N SER A 524 -21.31 -13.37 9.85
CA SER A 524 -20.40 -12.30 9.51
C SER A 524 -20.87 -11.38 8.40
N ASP A 525 -21.33 -11.97 7.31
CA ASP A 525 -21.66 -11.26 6.06
C ASP A 525 -22.66 -10.13 6.23
N PRO A 526 -23.34 -9.75 5.16
CA PRO A 526 -24.61 -9.10 5.36
C PRO A 526 -25.59 -10.18 5.74
N ARG A 527 -26.87 -9.91 5.61
CA ARG A 527 -27.84 -10.95 5.86
C ARG A 527 -28.43 -11.41 4.56
N CYS A 528 -28.04 -10.75 3.47
CA CYS A 528 -28.56 -11.09 2.17
C CYS A 528 -27.53 -10.99 1.07
N LEU A 529 -26.81 -12.08 0.79
CA LEU A 529 -25.78 -12.00 -0.26
C LEU A 529 -26.38 -11.87 -1.66
N THR A 530 -25.64 -11.22 -2.55
CA THR A 530 -26.15 -10.95 -3.88
C THR A 530 -25.66 -11.92 -4.92
N ARG A 531 -26.62 -12.39 -5.71
CA ARG A 531 -26.39 -13.39 -6.72
C ARG A 531 -27.39 -13.15 -7.85
N TYR A 532 -27.46 -14.07 -8.82
CA TYR A 532 -28.22 -13.86 -10.04
C TYR A 532 -28.47 -15.16 -10.75
N TYR A 533 -29.42 -15.12 -11.70
CA TYR A 533 -29.62 -16.20 -12.69
C TYR A 533 -29.43 -15.73 -14.13
N SER A 534 -28.62 -16.46 -14.88
CA SER A 534 -28.45 -16.30 -16.31
C SER A 534 -29.24 -17.45 -16.92
N SER A 535 -29.25 -17.54 -18.26
CA SER A 535 -29.51 -18.84 -18.89
C SER A 535 -28.22 -19.40 -19.42
N PHE A 536 -28.20 -20.72 -19.65
CA PHE A 536 -26.95 -21.44 -19.90
C PHE A 536 -26.89 -22.37 -21.12
N VAL A 537 -27.83 -22.24 -22.07
CA VAL A 537 -27.73 -22.97 -23.33
C VAL A 537 -26.47 -22.49 -24.08
N ASN A 538 -26.33 -21.16 -24.24
CA ASN A 538 -25.03 -20.55 -24.59
C ASN A 538 -24.63 -19.60 -23.46
N MET A 539 -23.36 -19.21 -23.38
CA MET A 539 -22.97 -18.42 -22.22
C MET A 539 -23.46 -16.97 -22.27
N GLU A 540 -22.93 -16.19 -23.19
CA GLU A 540 -23.31 -14.78 -23.35
C GLU A 540 -23.94 -14.60 -24.73
N ARG A 541 -23.54 -15.47 -25.66
CA ARG A 541 -24.23 -15.65 -26.90
C ARG A 541 -25.70 -15.99 -26.51
N ASP A 542 -25.91 -16.12 -25.20
CA ASP A 542 -27.22 -16.11 -24.57
C ASP A 542 -27.42 -14.80 -23.79
N LEU A 543 -26.87 -14.77 -22.58
CA LEU A 543 -26.94 -13.61 -21.67
C LEU A 543 -27.01 -12.28 -22.43
N ALA A 544 -25.97 -11.97 -23.21
CA ALA A 544 -25.87 -10.68 -23.89
C ALA A 544 -27.18 -10.29 -24.58
N SER A 545 -27.97 -11.28 -24.98
CA SER A 545 -29.22 -11.01 -25.67
C SER A 545 -30.40 -10.75 -24.74
N GLY A 546 -30.18 -10.85 -23.43
CA GLY A 546 -31.18 -10.41 -22.42
C GLY A 546 -31.49 -11.30 -21.22
N LEU A 547 -30.82 -12.43 -21.15
CA LEU A 547 -31.14 -13.46 -20.15
C LEU A 547 -30.53 -13.20 -18.76
N ILE A 548 -31.07 -12.18 -18.08
CA ILE A 548 -30.57 -11.80 -16.76
C ILE A 548 -31.70 -11.53 -15.76
N GLY A 549 -31.48 -11.94 -14.52
CA GLY A 549 -32.41 -11.74 -13.39
C GLY A 549 -31.78 -11.99 -12.01
N PRO A 550 -32.12 -11.15 -11.02
CA PRO A 550 -31.45 -11.12 -9.72
C PRO A 550 -31.96 -12.16 -8.70
N LEU A 551 -31.02 -12.97 -8.19
CA LEU A 551 -31.32 -13.98 -7.20
C LEU A 551 -30.77 -13.55 -5.87
N LEU A 552 -31.60 -13.64 -4.85
CA LEU A 552 -31.25 -13.13 -3.54
C LEU A 552 -31.31 -14.29 -2.54
N ILE A 553 -30.16 -14.62 -1.96
CA ILE A 553 -30.12 -15.61 -0.89
C ILE A 553 -29.91 -14.95 0.48
N CYS A 554 -30.71 -15.35 1.48
CA CYS A 554 -30.79 -14.63 2.76
C CYS A 554 -30.91 -15.44 4.04
N TYR A 555 -30.45 -14.82 5.13
CA TYR A 555 -30.59 -15.24 6.51
C TYR A 555 -32.04 -15.56 6.92
N LYS A 556 -32.22 -16.34 7.98
CA LYS A 556 -33.54 -16.78 8.41
C LYS A 556 -34.29 -15.69 9.18
N GLU A 557 -35.61 -15.54 8.95
CA GLU A 557 -36.50 -14.56 9.66
C GLU A 557 -38.00 -14.49 9.21
N SER A 558 -38.94 -14.45 10.18
CA SER A 558 -40.40 -14.17 9.95
C SER A 558 -41.22 -13.90 11.25
N VAL A 559 -41.60 -12.63 11.46
CA VAL A 559 -42.11 -12.10 12.77
C VAL A 559 -41.32 -12.69 13.97
N ASP A 560 -39.98 -12.58 13.86
CA ASP A 560 -38.95 -13.15 14.76
C ASP A 560 -37.54 -12.94 14.12
N GLN A 561 -36.47 -13.15 14.90
CA GLN A 561 -35.05 -13.09 14.44
C GLN A 561 -34.38 -11.69 14.61
N ARG A 562 -34.47 -10.82 13.59
CA ARG A 562 -34.08 -9.40 13.74
C ARG A 562 -34.69 -8.44 12.72
N GLY A 563 -35.28 -7.36 13.23
CA GLY A 563 -35.88 -6.29 12.43
C GLY A 563 -37.17 -6.68 11.71
N ASN A 564 -38.18 -7.09 12.49
CA ASN A 564 -39.49 -7.52 11.96
C ASN A 564 -40.63 -7.15 12.92
N GLN A 565 -40.71 -5.85 13.25
CA GLN A 565 -41.72 -5.35 14.22
C GLN A 565 -42.73 -4.30 13.69
N ILE A 566 -42.35 -3.50 12.69
CA ILE A 566 -43.30 -2.56 12.01
C ILE A 566 -43.29 -2.65 10.44
N MET A 567 -42.11 -2.87 9.84
CA MET A 567 -41.93 -3.24 8.39
C MET A 567 -40.46 -3.47 8.00
N SER A 568 -40.22 -4.40 7.07
CA SER A 568 -38.91 -4.49 6.39
C SER A 568 -38.97 -3.85 4.98
N ASP A 569 -38.56 -2.57 4.93
CA ASP A 569 -38.63 -1.69 3.73
C ASP A 569 -38.01 -2.32 2.44
N LYS A 570 -38.75 -2.24 1.31
CA LYS A 570 -38.55 -3.08 0.10
C LYS A 570 -37.14 -3.32 -0.48
N ARG A 571 -37.09 -4.24 -1.46
CA ARG A 571 -35.85 -4.66 -2.11
C ARG A 571 -35.72 -4.03 -3.51
N ASN A 572 -34.48 -3.64 -3.86
CA ASN A 572 -34.17 -2.79 -5.03
C ASN A 572 -32.77 -3.09 -5.64
N VAL A 573 -32.72 -3.38 -6.95
CA VAL A 573 -31.50 -3.89 -7.60
C VAL A 573 -30.95 -3.07 -8.75
N ILE A 574 -29.65 -2.79 -8.68
CA ILE A 574 -28.93 -2.18 -9.76
C ILE A 574 -28.04 -3.26 -10.40
N LEU A 575 -28.03 -3.30 -11.72
CA LEU A 575 -27.16 -4.21 -12.47
C LEU A 575 -26.29 -3.47 -13.47
N PHE A 576 -24.98 -3.51 -13.21
CA PHE A 576 -24.01 -2.89 -14.09
C PHE A 576 -23.67 -3.86 -15.23
N SER A 577 -24.13 -3.52 -16.42
CA SER A 577 -24.01 -4.44 -17.57
C SER A 577 -23.73 -3.82 -18.94
N VAL A 578 -22.62 -4.27 -19.52
CA VAL A 578 -22.32 -4.06 -20.92
C VAL A 578 -22.90 -5.24 -21.69
N PHE A 579 -23.88 -4.91 -22.54
CA PHE A 579 -24.46 -5.85 -23.48
C PHE A 579 -23.76 -5.71 -24.83
N ASP A 580 -23.18 -6.79 -25.31
CA ASP A 580 -22.41 -6.77 -26.55
C ASP A 580 -23.22 -7.31 -27.71
N GLU A 581 -24.14 -6.48 -28.20
CA GLU A 581 -25.05 -6.87 -29.27
C GLU A 581 -24.34 -7.66 -30.34
N ASN A 582 -23.05 -7.35 -30.54
CA ASN A 582 -22.20 -8.02 -31.52
C ASN A 582 -22.13 -9.54 -31.38
N ARG A 583 -22.69 -10.06 -30.29
CA ARG A 583 -22.64 -11.48 -30.05
C ARG A 583 -24.06 -12.04 -29.90
N SER A 584 -25.05 -11.14 -29.83
CA SER A 584 -26.42 -11.51 -29.42
C SER A 584 -27.11 -12.45 -30.41
N TRP A 585 -27.83 -13.43 -29.87
CA TRP A 585 -28.51 -14.45 -30.66
C TRP A 585 -29.61 -13.87 -31.57
N TYR A 586 -29.56 -12.55 -31.76
CA TYR A 586 -30.47 -11.79 -32.61
C TYR A 586 -29.62 -10.86 -33.44
N LEU A 587 -28.43 -11.35 -33.80
CA LEU A 587 -27.33 -10.57 -34.39
C LEU A 587 -27.77 -9.71 -35.56
N THR A 588 -27.82 -10.33 -36.74
CA THR A 588 -28.16 -9.66 -38.00
C THR A 588 -29.66 -9.71 -38.27
N GLU A 589 -30.36 -10.45 -37.42
CA GLU A 589 -31.79 -10.26 -37.27
C GLU A 589 -32.02 -8.75 -37.12
N ASN A 590 -31.38 -8.15 -36.12
CA ASN A 590 -31.52 -6.73 -35.81
C ASN A 590 -31.09 -5.73 -36.88
N ILE A 591 -30.33 -6.18 -37.89
CA ILE A 591 -29.85 -5.29 -38.98
C ILE A 591 -30.81 -5.13 -40.15
N GLN A 592 -31.60 -6.17 -40.41
CA GLN A 592 -32.71 -6.07 -41.35
C GLN A 592 -33.81 -5.21 -40.73
N ARG A 593 -33.86 -5.23 -39.40
CA ARG A 593 -34.84 -4.48 -38.63
C ARG A 593 -34.55 -2.97 -38.67
N PHE A 594 -34.00 -2.47 -37.56
CA PHE A 594 -33.87 -1.04 -37.29
C PHE A 594 -32.99 -0.31 -38.32
N LEU A 595 -31.86 -0.94 -38.67
CA LEU A 595 -30.97 -0.40 -39.70
C LEU A 595 -31.73 -0.47 -41.02
N PRO A 596 -31.82 0.67 -41.74
CA PRO A 596 -32.61 0.79 -42.95
C PRO A 596 -32.20 -0.22 -44.02
N ASN A 597 -31.18 0.11 -44.80
CA ASN A 597 -30.78 -0.74 -45.92
C ASN A 597 -29.51 -1.54 -45.66
N PRO A 598 -29.63 -2.88 -45.75
CA PRO A 598 -28.49 -3.75 -45.95
C PRO A 598 -28.09 -3.81 -47.43
N ALA A 599 -28.62 -2.89 -48.26
CA ALA A 599 -28.27 -2.78 -49.70
C ALA A 599 -26.75 -2.62 -49.88
N GLY A 600 -26.11 -2.34 -48.74
CA GLY A 600 -24.70 -2.56 -48.50
C GLY A 600 -24.64 -3.31 -47.17
N VAL A 601 -24.71 -4.63 -47.25
CA VAL A 601 -24.84 -5.52 -46.08
C VAL A 601 -23.63 -5.59 -45.13
N GLN A 602 -22.81 -4.53 -45.10
CA GLN A 602 -21.55 -4.45 -44.30
C GLN A 602 -21.63 -5.05 -42.89
N LEU A 603 -20.56 -5.70 -42.44
CA LEU A 603 -20.45 -6.28 -41.07
C LEU A 603 -19.08 -5.99 -40.42
N GLU A 604 -18.66 -6.83 -39.46
CA GLU A 604 -17.26 -6.87 -38.94
C GLU A 604 -16.45 -5.59 -39.23
N ASP A 605 -16.36 -4.68 -38.25
CA ASP A 605 -15.88 -3.33 -38.53
C ASP A 605 -15.18 -2.69 -37.31
N PRO A 606 -14.24 -1.74 -37.54
CA PRO A 606 -13.72 -0.93 -36.43
C PRO A 606 -14.79 -0.23 -35.56
N GLU A 607 -15.56 0.69 -36.15
CA GLU A 607 -16.48 1.55 -35.39
C GLU A 607 -17.87 0.97 -35.14
N PHE A 608 -18.32 0.11 -36.04
CA PHE A 608 -19.64 -0.53 -35.96
C PHE A 608 -19.69 -1.57 -34.84
N GLN A 609 -18.60 -2.33 -34.69
CA GLN A 609 -18.46 -3.26 -33.57
C GLN A 609 -18.52 -2.46 -32.27
N ALA A 610 -17.81 -1.33 -32.22
CA ALA A 610 -17.88 -0.43 -31.06
C ALA A 610 -19.26 0.26 -30.91
N SER A 611 -20.05 0.23 -31.99
CA SER A 611 -21.30 0.94 -32.05
C SER A 611 -22.44 0.23 -31.34
N ASN A 612 -22.17 -0.97 -30.84
CA ASN A 612 -23.20 -1.79 -30.20
C ASN A 612 -22.81 -2.36 -28.82
N ILE A 613 -21.55 -2.11 -28.43
CA ILE A 613 -21.09 -2.41 -27.09
C ILE A 613 -21.84 -1.45 -26.16
N MET A 614 -22.93 -1.96 -25.56
CA MET A 614 -23.85 -1.11 -24.81
C MET A 614 -23.63 -1.11 -23.30
N HIS A 615 -22.84 -0.14 -22.84
CA HIS A 615 -22.52 0.01 -21.43
C HIS A 615 -23.72 0.65 -20.75
N SER A 616 -24.44 -0.13 -19.93
CA SER A 616 -25.70 0.34 -19.29
C SER A 616 -25.97 -0.24 -17.91
N ILE A 617 -26.84 0.44 -17.15
CA ILE A 617 -27.37 -0.07 -15.87
C ILE A 617 -28.86 -0.41 -15.95
N ASN A 618 -29.15 -1.71 -16.05
CA ASN A 618 -30.50 -2.22 -16.30
C ASN A 618 -31.08 -1.88 -17.69
N GLY A 619 -30.21 -1.95 -18.70
CA GLY A 619 -30.60 -1.66 -20.08
C GLY A 619 -30.72 -0.16 -20.32
N TYR A 620 -31.10 0.59 -19.30
CA TYR A 620 -31.16 2.02 -19.40
C TYR A 620 -29.72 2.58 -19.43
N VAL A 621 -29.52 3.61 -20.23
CA VAL A 621 -28.18 4.16 -20.50
C VAL A 621 -28.25 5.68 -20.67
N PHE A 622 -27.09 6.34 -20.63
CA PHE A 622 -26.98 7.79 -20.86
C PHE A 622 -28.03 8.62 -20.09
N ASP A 623 -28.04 8.44 -18.77
CA ASP A 623 -28.99 9.08 -17.89
C ASP A 623 -30.42 8.76 -18.31
N SER A 624 -30.60 7.57 -18.90
CA SER A 624 -31.95 7.09 -19.20
C SER A 624 -32.51 6.46 -17.96
N LEU A 625 -33.85 6.49 -17.89
CA LEU A 625 -34.57 6.36 -16.62
C LEU A 625 -33.63 6.06 -15.42
N GLN A 626 -33.60 7.06 -14.56
CA GLN A 626 -32.82 7.13 -13.33
C GLN A 626 -33.45 6.24 -12.22
N LEU A 627 -33.76 6.83 -11.06
CA LEU A 627 -34.54 6.17 -10.01
C LEU A 627 -35.15 7.17 -9.04
N SER A 628 -36.42 6.95 -8.71
CA SER A 628 -37.11 7.75 -7.70
C SER A 628 -36.92 7.16 -6.30
N VAL A 629 -36.44 8.01 -5.39
CA VAL A 629 -36.38 7.74 -3.95
C VAL A 629 -36.62 9.04 -3.18
N CYS A 630 -36.61 8.99 -1.85
CA CYS A 630 -36.77 10.19 -1.01
C CYS A 630 -35.94 10.18 0.28
N LEU A 631 -35.83 11.35 0.93
CA LEU A 631 -34.88 11.50 2.02
C LEU A 631 -35.46 11.01 3.35
N HIS A 632 -34.57 10.56 4.23
CA HIS A 632 -34.92 9.81 5.44
C HIS A 632 -35.39 8.38 5.17
N GLU A 633 -35.71 8.09 3.90
CA GLU A 633 -35.92 6.72 3.43
C GLU A 633 -34.63 5.93 3.63
N VAL A 634 -34.76 4.65 3.94
CA VAL A 634 -33.59 3.85 4.23
C VAL A 634 -33.83 2.39 3.85
N ALA A 635 -33.01 1.85 2.95
CA ALA A 635 -33.00 0.41 2.61
C ALA A 635 -31.75 -0.02 1.88
N TYR A 636 -31.62 -1.34 1.71
CA TYR A 636 -30.47 -1.99 1.09
C TYR A 636 -30.45 -1.81 -0.41
N TRP A 637 -29.28 -1.61 -0.99
CA TRP A 637 -29.09 -1.83 -2.43
C TRP A 637 -28.39 -3.16 -2.71
N TYR A 638 -28.82 -3.89 -3.73
CA TYR A 638 -28.10 -5.06 -4.18
C TYR A 638 -27.60 -4.80 -5.58
N ILE A 639 -26.28 -4.93 -5.77
CA ILE A 639 -25.65 -4.60 -7.05
C ILE A 639 -24.64 -5.64 -7.54
N LEU A 640 -24.46 -5.71 -8.85
CA LEU A 640 -23.62 -6.72 -9.49
C LEU A 640 -23.01 -6.27 -10.81
N SER A 641 -21.89 -6.88 -11.20
CA SER A 641 -21.38 -6.67 -12.54
C SER A 641 -21.53 -7.94 -13.32
N ILE A 642 -22.13 -7.79 -14.49
CA ILE A 642 -22.45 -8.90 -15.38
C ILE A 642 -22.25 -8.43 -16.84
N GLY A 643 -21.72 -9.32 -17.69
CA GLY A 643 -21.52 -9.08 -19.14
C GLY A 643 -20.42 -8.10 -19.55
N ALA A 644 -20.34 -6.99 -18.83
CA ALA A 644 -19.23 -6.04 -18.89
C ALA A 644 -18.04 -6.68 -18.23
N GLN A 645 -17.26 -7.41 -19.00
CA GLN A 645 -16.15 -8.15 -18.41
C GLN A 645 -14.81 -7.66 -18.92
N THR A 646 -13.80 -8.53 -18.87
CA THR A 646 -12.41 -8.16 -19.20
C THR A 646 -11.83 -7.18 -18.15
N ASP A 647 -12.73 -6.46 -17.45
CA ASP A 647 -12.36 -5.40 -16.49
C ASP A 647 -13.18 -5.42 -15.20
N PHE A 648 -12.83 -4.52 -14.28
CA PHE A 648 -13.62 -4.33 -13.06
C PHE A 648 -14.29 -2.96 -12.99
N LEU A 649 -15.14 -2.79 -12.00
CA LEU A 649 -15.89 -1.56 -11.84
C LEU A 649 -15.82 -1.01 -10.43
N SER A 650 -15.08 0.08 -10.24
CA SER A 650 -15.27 0.88 -9.03
C SER A 650 -16.54 1.68 -9.28
N VAL A 651 -17.49 1.65 -8.34
CA VAL A 651 -18.84 2.21 -8.57
C VAL A 651 -19.23 3.42 -7.69
N PHE A 652 -20.00 4.32 -8.28
CA PHE A 652 -20.05 5.71 -7.85
C PHE A 652 -21.07 6.01 -6.74
N PHE A 653 -22.12 6.76 -7.06
CA PHE A 653 -23.07 7.39 -6.10
C PHE A 653 -22.53 8.73 -5.65
N SER A 654 -23.10 9.80 -6.19
CA SER A 654 -22.65 11.15 -5.87
C SER A 654 -23.08 11.54 -4.46
N GLY A 655 -22.11 12.02 -3.66
CA GLY A 655 -22.34 12.50 -2.28
C GLY A 655 -22.85 11.48 -1.27
N TYR A 656 -23.20 10.30 -1.76
CA TYR A 656 -23.72 9.28 -0.90
C TYR A 656 -22.67 8.28 -0.49
N THR A 657 -22.92 7.65 0.65
CA THR A 657 -21.97 6.76 1.26
C THR A 657 -22.72 5.56 1.78
N PHE A 658 -22.08 4.40 1.71
CA PHE A 658 -22.71 3.16 2.15
C PHE A 658 -21.93 2.33 3.16
N LYS A 659 -22.67 1.41 3.80
CA LYS A 659 -22.17 0.47 4.81
C LYS A 659 -22.16 -0.94 4.23
N HIS A 660 -21.14 -1.21 3.43
CA HIS A 660 -20.90 -2.51 2.86
C HIS A 660 -19.84 -3.16 3.73
N LYS A 661 -20.07 -4.43 4.12
CA LYS A 661 -19.14 -5.21 4.96
C LYS A 661 -19.00 -4.66 6.39
N MET A 662 -20.09 -4.04 6.86
CA MET A 662 -20.12 -3.24 8.11
C MET A 662 -18.88 -2.35 8.41
N VAL A 663 -18.40 -1.70 7.35
CA VAL A 663 -17.50 -0.55 7.45
C VAL A 663 -18.27 0.53 6.71
N TYR A 664 -17.75 1.74 6.59
CA TYR A 664 -18.37 2.72 5.70
C TYR A 664 -17.35 3.15 4.64
N GLU A 665 -17.64 2.84 3.37
CA GLU A 665 -16.80 3.22 2.24
C GLU A 665 -17.67 4.03 1.33
N ASP A 666 -17.07 4.76 0.39
CA ASP A 666 -17.84 5.55 -0.59
C ASP A 666 -17.80 5.00 -2.02
N THR A 667 -16.99 3.96 -2.25
CA THR A 667 -16.89 3.34 -3.57
C THR A 667 -16.72 1.86 -3.48
N LEU A 668 -17.49 1.18 -4.30
CA LEU A 668 -17.53 -0.26 -4.30
C LEU A 668 -16.75 -0.77 -5.50
N THR A 669 -15.72 -1.58 -5.24
CA THR A 669 -14.96 -2.22 -6.32
C THR A 669 -15.61 -3.55 -6.67
N LEU A 670 -15.91 -3.71 -7.96
CA LEU A 670 -16.69 -4.85 -8.45
C LEU A 670 -16.11 -5.54 -9.69
N PHE A 671 -15.82 -6.83 -9.53
CA PHE A 671 -15.28 -7.69 -10.59
C PHE A 671 -16.23 -8.01 -11.81
N PRO A 672 -16.28 -9.26 -12.31
CA PRO A 672 -17.37 -9.71 -13.18
C PRO A 672 -18.26 -10.87 -12.64
N PHE A 673 -17.88 -11.42 -11.49
CA PHE A 673 -18.76 -12.31 -10.73
C PHE A 673 -19.73 -11.44 -10.00
N SER A 674 -19.34 -10.17 -9.91
CA SER A 674 -19.43 -9.39 -8.69
C SER A 674 -20.80 -9.23 -8.04
N GLY A 675 -21.04 -10.05 -7.04
CA GLY A 675 -22.22 -9.91 -6.22
C GLY A 675 -21.81 -9.27 -4.92
N GLU A 676 -22.29 -8.04 -4.69
CA GLU A 676 -22.10 -7.40 -3.41
C GLU A 676 -23.32 -6.59 -2.97
N THR A 677 -23.47 -6.44 -1.66
CA THR A 677 -24.70 -5.98 -1.00
C THR A 677 -24.50 -4.80 -0.05
N VAL A 678 -24.86 -3.59 -0.46
CA VAL A 678 -24.64 -2.40 0.38
C VAL A 678 -25.85 -1.98 1.19
N PHE A 679 -25.66 -0.98 2.05
CA PHE A 679 -26.75 -0.41 2.83
C PHE A 679 -26.53 1.09 2.92
N MET A 680 -27.63 1.84 2.98
CA MET A 680 -27.60 3.28 2.73
C MET A 680 -28.68 4.09 3.46
N SER A 681 -28.24 5.11 4.17
CA SER A 681 -29.12 6.09 4.80
C SER A 681 -29.37 7.24 3.81
N MET A 682 -30.52 7.23 3.14
CA MET A 682 -30.86 8.24 2.15
C MET A 682 -31.29 9.55 2.80
N GLU A 683 -30.37 10.50 2.93
CA GLU A 683 -30.70 11.82 3.49
C GLU A 683 -29.84 12.99 2.94
N ASN A 684 -29.49 12.90 1.66
CA ASN A 684 -28.79 13.98 0.97
C ASN A 684 -29.60 14.43 -0.24
N PRO A 685 -30.50 15.41 -0.06
CA PRO A 685 -31.44 15.92 -1.05
C PRO A 685 -30.82 16.55 -2.30
N GLY A 686 -31.13 15.98 -3.45
CA GLY A 686 -30.72 16.53 -4.75
C GLY A 686 -30.46 15.53 -5.88
N LEU A 687 -30.08 16.07 -7.05
CA LEU A 687 -29.62 15.24 -8.17
C LEU A 687 -28.30 14.65 -7.74
N TRP A 688 -28.12 13.36 -7.97
CA TRP A 688 -26.82 12.74 -7.75
C TRP A 688 -26.52 11.84 -8.93
N ILE A 689 -25.35 12.07 -9.52
CA ILE A 689 -24.92 11.35 -10.72
C ILE A 689 -24.31 9.99 -10.37
N LEU A 690 -25.17 9.02 -10.10
CA LEU A 690 -24.74 7.63 -9.98
C LEU A 690 -24.12 7.22 -11.29
N GLY A 691 -22.95 6.61 -11.18
CA GLY A 691 -22.28 6.03 -12.32
C GLY A 691 -21.25 5.09 -11.77
N CYS A 692 -20.04 5.20 -12.28
CA CYS A 692 -18.94 4.46 -11.73
C CYS A 692 -17.68 5.30 -11.72
N HIS A 693 -16.86 5.01 -10.72
CA HIS A 693 -15.61 5.70 -10.40
C HIS A 693 -14.59 5.64 -11.53
N ASN A 694 -14.93 4.91 -12.59
CA ASN A 694 -14.13 4.84 -13.79
C ASN A 694 -14.73 5.80 -14.80
N SER A 695 -13.94 6.78 -15.22
CA SER A 695 -14.39 7.80 -16.16
C SER A 695 -13.92 7.50 -17.59
N ASP A 696 -14.27 6.30 -18.06
CA ASP A 696 -14.06 5.89 -19.46
C ASP A 696 -15.20 5.01 -19.98
N PHE A 697 -16.18 4.76 -19.11
CA PHE A 697 -17.46 4.16 -19.51
C PHE A 697 -18.56 5.15 -19.23
N ARG A 698 -18.48 5.85 -18.10
CA ARG A 698 -19.49 6.84 -17.74
C ARG A 698 -19.58 7.99 -18.75
N ASN A 699 -18.85 7.84 -19.87
CA ASN A 699 -18.96 8.71 -21.03
C ASN A 699 -19.44 7.90 -22.23
N ARG A 700 -19.11 6.62 -22.24
CA ARG A 700 -19.62 5.62 -23.19
C ARG A 700 -21.06 5.20 -22.78
N GLY A 701 -21.73 6.07 -22.02
CA GLY A 701 -23.03 5.77 -21.42
C GLY A 701 -22.84 5.52 -19.95
N MET A 702 -23.32 4.36 -19.48
CA MET A 702 -22.95 3.81 -18.17
C MET A 702 -23.21 4.75 -16.97
N THR A 703 -24.18 5.66 -17.10
CA THR A 703 -24.60 6.48 -15.96
C THR A 703 -26.09 6.57 -15.88
N ALA A 704 -26.59 6.67 -14.66
CA ALA A 704 -27.97 7.01 -14.42
C ALA A 704 -28.00 8.19 -13.46
N LEU A 705 -29.19 8.61 -13.06
CA LEU A 705 -29.36 9.65 -12.04
C LEU A 705 -30.14 9.15 -10.82
N LEU A 706 -30.06 9.85 -9.70
CA LEU A 706 -30.97 9.55 -8.61
C LEU A 706 -31.52 10.84 -8.00
N LYS A 707 -32.78 10.78 -7.60
CA LYS A 707 -33.49 11.94 -7.04
C LYS A 707 -33.92 11.69 -5.61
N VAL A 708 -33.92 12.76 -4.81
CA VAL A 708 -34.24 12.66 -3.40
C VAL A 708 -34.96 13.92 -2.97
N SER A 709 -36.08 13.77 -2.27
CA SER A 709 -36.86 14.88 -1.68
C SER A 709 -37.90 14.32 -0.72
N SER A 710 -38.29 15.08 0.30
CA SER A 710 -39.22 14.59 1.34
C SER A 710 -40.51 13.90 0.80
N CYS A 711 -41.09 13.01 1.61
CA CYS A 711 -42.22 12.16 1.20
C CYS A 711 -43.52 12.48 1.94
N ASP A 712 -44.18 11.44 2.48
CA ASP A 712 -45.37 11.59 3.34
C ASP A 712 -45.78 10.39 4.23
N LYS A 713 -46.19 9.27 3.61
CA LYS A 713 -46.76 8.10 4.33
C LYS A 713 -48.11 8.35 5.04
N PHE B 43 -17.55 18.75 27.79
CA PHE B 43 -16.88 18.57 26.46
C PHE B 43 -17.70 19.24 25.36
N GLN B 44 -17.00 19.79 24.37
CA GLN B 44 -17.59 20.69 23.37
C GLN B 44 -17.62 20.15 21.91
N LYS B 45 -18.33 20.86 21.03
CA LYS B 45 -18.27 20.66 19.55
C LYS B 45 -17.48 21.83 18.94
N LYS B 46 -16.80 21.60 17.81
CA LYS B 46 -16.07 22.69 17.13
C LYS B 46 -16.41 22.88 15.64
N THR B 47 -16.54 24.14 15.27
CA THR B 47 -16.70 24.54 13.88
C THR B 47 -15.33 24.95 13.33
N ARG B 48 -14.67 24.00 12.67
CA ARG B 48 -13.28 24.14 12.21
C ARG B 48 -13.19 24.49 10.74
N HIS B 49 -12.95 25.76 10.43
CA HIS B 49 -12.83 26.15 9.02
C HIS B 49 -11.42 25.83 8.54
N TYR B 50 -11.28 25.74 7.22
CA TYR B 50 -10.00 25.57 6.55
C TYR B 50 -9.97 26.52 5.34
N PHE B 51 -9.16 27.56 5.43
CA PHE B 51 -9.07 28.53 4.35
C PHE B 51 -8.09 28.00 3.32
N ILE B 52 -8.64 27.57 2.19
CA ILE B 52 -7.94 26.73 1.21
C ILE B 52 -8.21 27.20 -0.23
N ALA B 53 -7.26 26.94 -1.13
CA ALA B 53 -7.34 27.38 -2.52
C ALA B 53 -6.72 26.39 -3.49
N ALA B 54 -6.62 26.78 -4.76
CA ALA B 54 -6.02 25.95 -5.80
C ALA B 54 -5.07 26.77 -6.66
N VAL B 55 -3.80 26.36 -6.72
CA VAL B 55 -2.74 27.08 -7.45
C VAL B 55 -1.83 26.10 -8.25
N GLU B 56 -0.69 26.59 -8.80
CA GLU B 56 0.25 25.78 -9.60
C GLU B 56 1.74 26.19 -9.53
N ARG B 57 2.61 25.25 -9.88
CA ARG B 57 4.09 25.42 -9.95
C ARG B 57 4.67 24.17 -10.63
N LEU B 58 4.85 23.14 -9.83
CA LEU B 58 4.64 21.69 -10.17
C LEU B 58 5.69 20.63 -9.81
N TRP B 59 6.45 20.20 -10.81
CA TRP B 59 7.08 18.91 -10.68
C TRP B 59 8.56 18.96 -10.89
N ASP B 60 9.28 18.76 -9.79
CA ASP B 60 10.73 18.75 -9.80
C ASP B 60 11.22 17.32 -9.76
N TYR B 61 12.43 17.11 -10.28
CA TYR B 61 13.11 15.82 -10.17
C TYR B 61 14.45 15.96 -9.42
N GLY B 62 15.38 16.74 -9.99
CA GLY B 62 16.72 16.93 -9.42
C GLY B 62 17.03 16.26 -8.07
N MET B 63 17.67 15.08 -8.13
CA MET B 63 18.15 14.36 -6.94
C MET B 63 19.61 13.91 -7.15
N SER B 64 19.80 12.92 -8.03
CA SER B 64 21.11 12.45 -8.47
C SER B 64 21.00 11.65 -9.78
N SER B 65 19.90 10.89 -9.88
CA SER B 65 19.63 9.98 -11.00
C SER B 65 19.02 10.68 -12.21
N GLY B 77 22.02 19.63 -17.36
CA GLY B 77 20.81 18.95 -16.82
C GLY B 77 19.54 19.29 -17.58
N SER B 78 18.96 18.28 -18.25
CA SER B 78 17.87 18.47 -19.21
C SER B 78 16.44 18.48 -18.63
N VAL B 79 16.31 18.30 -17.31
CA VAL B 79 15.02 18.21 -16.59
C VAL B 79 13.88 19.12 -17.15
N PRO B 80 12.63 18.57 -17.26
CA PRO B 80 11.50 19.37 -17.77
C PRO B 80 10.70 20.12 -16.70
N GLN B 81 10.21 21.29 -17.09
CA GLN B 81 9.21 22.03 -16.32
C GLN B 81 7.87 21.33 -16.56
N PHE B 82 7.02 21.35 -15.54
CA PHE B 82 5.63 20.95 -15.70
C PHE B 82 4.77 21.98 -14.98
N LYS B 83 3.51 22.15 -15.41
CA LYS B 83 2.66 23.21 -14.88
C LYS B 83 1.23 22.78 -14.50
N LYS B 84 1.13 21.65 -13.79
CA LYS B 84 -0.15 21.12 -13.27
C LYS B 84 -0.69 21.95 -12.10
N VAL B 85 -1.94 21.66 -11.69
CA VAL B 85 -2.62 22.41 -10.62
C VAL B 85 -2.54 21.65 -9.30
N VAL B 86 -2.54 22.39 -8.17
CA VAL B 86 -2.58 21.78 -6.83
C VAL B 86 -3.51 22.55 -5.90
N PHE B 87 -3.99 21.89 -4.87
CA PHE B 87 -4.63 22.55 -3.72
C PHE B 87 -3.56 23.17 -2.83
N GLN B 88 -3.92 24.23 -2.09
CA GLN B 88 -2.98 24.89 -1.19
C GLN B 88 -3.73 25.53 -0.04
N GLU B 89 -3.23 25.30 1.17
CA GLU B 89 -3.81 25.87 2.38
C GLU B 89 -3.31 27.30 2.61
N PHE B 90 -4.22 28.24 2.83
CA PHE B 90 -3.84 29.62 3.13
C PHE B 90 -4.10 29.96 4.60
N THR B 91 -3.97 31.25 4.95
CA THR B 91 -3.98 31.67 6.35
C THR B 91 -5.29 32.27 6.84
N ASP B 92 -6.01 32.96 5.95
CA ASP B 92 -7.32 33.54 6.29
C ASP B 92 -8.12 33.89 5.03
N GLY B 93 -9.15 34.73 5.17
CA GLY B 93 -9.97 35.17 4.04
C GLY B 93 -9.23 36.04 3.02
N SER B 94 -8.25 36.80 3.51
CA SER B 94 -7.41 37.67 2.68
C SER B 94 -6.39 36.88 1.85
N PHE B 95 -6.65 35.58 1.68
CA PHE B 95 -5.80 34.67 0.91
C PHE B 95 -4.41 35.23 0.62
N THR B 96 -3.63 35.42 1.68
CA THR B 96 -2.26 35.92 1.53
C THR B 96 -1.18 34.92 2.00
N GLN B 97 -1.08 34.66 3.31
CA GLN B 97 0.01 33.79 3.83
C GLN B 97 -0.04 32.40 3.23
N PRO B 98 1.07 31.97 2.61
CA PRO B 98 1.03 30.73 1.85
C PRO B 98 0.91 29.56 2.81
N LEU B 99 1.16 29.82 4.09
CA LEU B 99 1.03 28.83 5.18
C LEU B 99 2.11 27.72 5.10
N TYR B 100 3.38 28.14 4.99
CA TYR B 100 4.54 27.22 4.88
C TYR B 100 4.25 25.79 5.36
N ARG B 101 4.46 24.81 4.48
CA ARG B 101 4.26 23.40 4.79
C ARG B 101 5.29 22.89 5.79
N GLY B 102 4.84 22.57 7.00
CA GLY B 102 5.74 22.24 8.10
C GLY B 102 6.41 20.89 7.97
N GLU B 103 7.63 20.79 8.49
CA GLU B 103 8.42 19.54 8.52
C GLU B 103 7.64 18.30 8.89
N LEU B 104 6.55 18.50 9.62
CA LEU B 104 5.70 17.42 10.09
C LEU B 104 4.75 16.91 9.02
N ASN B 105 4.42 17.77 8.05
CA ASN B 105 3.61 17.33 6.90
C ASN B 105 4.07 17.86 5.54
N GLU B 106 5.26 17.44 5.14
CA GLU B 106 5.81 17.81 3.84
C GLU B 106 5.84 16.61 2.93
N HIS B 107 5.64 15.44 3.53
CA HIS B 107 5.31 14.22 2.78
C HIS B 107 4.12 14.45 1.84
N LEU B 108 3.15 15.21 2.36
CA LEU B 108 1.96 15.60 1.63
C LEU B 108 2.36 16.21 0.29
N GLY B 109 3.33 17.12 0.32
CA GLY B 109 4.06 17.56 -0.89
C GLY B 109 3.34 18.12 -2.12
N LEU B 110 2.97 17.21 -3.06
CA LEU B 110 2.34 17.56 -4.37
C LEU B 110 0.81 17.38 -4.41
N LEU B 111 0.21 17.19 -3.23
CA LEU B 111 -1.24 17.24 -3.08
C LEU B 111 -1.63 18.21 -1.96
N GLY B 112 -2.91 18.19 -1.59
CA GLY B 112 -3.50 19.18 -0.69
C GLY B 112 -3.36 18.95 0.79
N PRO B 113 -3.73 19.95 1.62
CA PRO B 113 -3.53 19.86 3.04
C PRO B 113 -4.57 18.99 3.72
N TYR B 114 -4.25 18.55 4.94
CA TYR B 114 -5.11 17.72 5.73
C TYR B 114 -6.29 18.55 6.21
N ILE B 115 -7.50 18.01 5.98
CA ILE B 115 -8.75 18.54 6.56
C ILE B 115 -9.32 17.49 7.54
N ARG B 116 -9.61 17.93 8.77
CA ARG B 116 -9.77 17.03 9.91
C ARG B 116 -10.96 17.36 10.80
N ALA B 117 -11.67 16.34 11.25
CA ALA B 117 -12.84 16.54 12.11
C ALA B 117 -13.14 15.38 13.04
N GLU B 118 -13.82 15.69 14.14
CA GLU B 118 -14.36 14.67 15.04
C GLU B 118 -15.80 14.26 14.63
N VAL B 119 -16.46 13.42 15.44
CA VAL B 119 -17.79 12.89 15.09
C VAL B 119 -18.81 14.03 15.01
N GLU B 120 -19.31 14.49 16.15
CA GLU B 120 -20.37 15.46 16.16
C GLU B 120 -19.84 16.87 15.88
N ASP B 121 -19.27 17.06 14.68
CA ASP B 121 -18.47 18.25 14.37
C ASP B 121 -19.02 19.20 13.29
N ASN B 122 -18.18 20.17 12.94
CA ASN B 122 -18.45 21.13 11.89
C ASN B 122 -17.25 21.30 10.98
N ILE B 123 -17.48 21.10 9.69
CA ILE B 123 -16.44 21.28 8.71
C ILE B 123 -16.83 22.47 7.85
N MET B 124 -15.86 23.33 7.55
CA MET B 124 -16.10 24.50 6.69
C MET B 124 -14.97 24.74 5.72
N VAL B 125 -15.30 25.10 4.48
CA VAL B 125 -14.29 25.42 3.49
C VAL B 125 -14.63 26.71 2.78
N THR B 126 -13.81 27.73 3.00
CA THR B 126 -13.95 28.97 2.28
C THR B 126 -12.87 28.94 1.21
N PHE B 127 -13.32 28.80 -0.05
CA PHE B 127 -12.49 28.39 -1.19
C PHE B 127 -12.38 29.45 -2.28
N ARG B 128 -11.15 29.70 -2.73
CA ARG B 128 -10.90 30.52 -3.90
C ARG B 128 -10.14 29.78 -4.99
N ASN B 129 -10.64 29.89 -6.21
CA ASN B 129 -9.93 29.37 -7.39
C ASN B 129 -9.03 30.45 -7.98
N GLN B 130 -7.80 30.04 -8.32
CA GLN B 130 -6.86 30.89 -9.01
C GLN B 130 -6.27 30.02 -10.11
N ALA B 131 -6.86 30.09 -11.32
CA ALA B 131 -6.44 29.25 -12.46
C ALA B 131 -7.19 29.57 -13.76
N SER B 132 -6.96 28.75 -14.80
CA SER B 132 -7.71 28.84 -16.06
C SER B 132 -9.07 28.15 -15.93
N ARG B 133 -9.12 26.88 -16.35
CA ARG B 133 -10.31 26.03 -16.22
C ARG B 133 -10.82 26.12 -14.77
N PRO B 134 -12.04 26.65 -14.57
CA PRO B 134 -12.63 26.68 -13.22
C PRO B 134 -12.75 25.28 -12.60
N TYR B 135 -12.42 25.16 -11.31
CA TYR B 135 -12.49 23.87 -10.60
C TYR B 135 -13.41 23.94 -9.38
N SER B 136 -13.37 22.93 -8.52
CA SER B 136 -14.26 22.86 -7.34
C SER B 136 -13.80 21.92 -6.22
N PHE B 137 -14.33 22.14 -5.01
CA PHE B 137 -14.23 21.20 -3.88
C PHE B 137 -15.34 20.17 -4.00
N TYR B 138 -15.03 18.92 -3.65
CA TYR B 138 -16.02 17.85 -3.59
C TYR B 138 -15.46 16.65 -2.86
N SER B 139 -16.26 16.11 -1.95
CA SER B 139 -16.04 14.77 -1.42
C SER B 139 -17.40 14.10 -1.22
N SER B 140 -17.40 13.03 -0.44
CA SER B 140 -18.62 12.29 -0.20
C SER B 140 -19.60 13.04 0.72
N LEU B 141 -19.40 13.05 2.04
CA LEU B 141 -20.26 13.90 2.90
C LEU B 141 -20.04 15.34 2.50
N ILE B 142 -20.85 15.79 1.57
CA ILE B 142 -20.86 17.15 1.20
C ILE B 142 -22.32 17.55 1.39
N SER B 143 -22.88 17.07 2.50
CA SER B 143 -24.30 17.17 2.82
C SER B 143 -24.95 18.52 2.51
N TYR B 144 -25.37 18.70 1.27
CA TYR B 144 -26.08 19.91 0.86
C TYR B 144 -27.45 19.90 1.52
N GLU B 145 -28.27 20.92 1.26
CA GLU B 145 -29.45 21.12 2.08
C GLU B 145 -30.75 21.47 1.36
N GLU B 146 -31.84 20.89 1.84
CA GLU B 146 -33.22 21.32 1.54
C GLU B 146 -33.62 21.26 0.07
N ASP B 147 -34.17 22.38 -0.43
CA ASP B 147 -34.62 22.54 -1.81
C ASP B 147 -34.72 24.03 -2.17
N GLN B 148 -35.23 24.33 -3.38
CA GLN B 148 -35.37 25.72 -3.87
C GLN B 148 -36.40 25.89 -5.02
N ARG B 149 -36.89 27.12 -5.21
CA ARG B 149 -37.63 27.50 -6.40
C ARG B 149 -36.67 27.40 -7.59
N GLN B 150 -36.68 26.22 -8.23
CA GLN B 150 -35.61 25.81 -9.15
C GLN B 150 -36.18 25.21 -10.45
N GLY B 151 -35.29 24.81 -11.36
CA GLY B 151 -35.67 24.19 -12.63
C GLY B 151 -35.11 22.79 -12.81
N ALA B 152 -35.66 21.85 -12.03
CA ALA B 152 -35.21 20.44 -11.93
C ALA B 152 -33.96 20.23 -11.05
N GLU B 153 -33.72 21.17 -10.13
CA GLU B 153 -32.65 21.11 -9.10
C GLU B 153 -31.17 21.20 -9.60
N PRO B 154 -30.77 22.36 -10.16
CA PRO B 154 -29.34 22.67 -10.32
C PRO B 154 -28.58 22.58 -8.99
N ARG B 155 -28.06 21.39 -8.71
CA ARG B 155 -27.23 21.15 -7.54
C ARG B 155 -25.75 21.17 -7.94
N LYS B 156 -25.47 21.87 -9.05
CA LYS B 156 -24.16 21.87 -9.67
C LYS B 156 -23.15 22.74 -8.92
N ASN B 157 -22.04 22.13 -8.51
CA ASN B 157 -20.96 22.85 -7.87
C ASN B 157 -19.89 23.28 -8.87
N PHE B 158 -19.83 24.59 -9.10
CA PHE B 158 -18.94 25.21 -10.09
C PHE B 158 -18.27 26.45 -9.49
N VAL B 159 -16.94 26.42 -9.37
CA VAL B 159 -16.20 27.53 -8.76
C VAL B 159 -15.29 28.25 -9.76
N LYS B 160 -15.81 29.35 -10.30
CA LYS B 160 -15.13 30.16 -11.31
C LYS B 160 -13.92 30.90 -10.73
N PRO B 161 -12.86 31.08 -11.54
CA PRO B 161 -11.63 31.74 -11.07
C PRO B 161 -11.89 33.08 -10.37
N ASN B 162 -11.10 33.33 -9.32
CA ASN B 162 -11.24 34.50 -8.44
C ASN B 162 -12.55 34.62 -7.63
N GLU B 163 -13.59 33.86 -7.99
CA GLU B 163 -14.81 33.85 -7.20
C GLU B 163 -14.61 32.98 -5.96
N THR B 164 -15.46 33.18 -4.96
CA THR B 164 -15.35 32.47 -3.69
C THR B 164 -16.60 31.63 -3.44
N LYS B 165 -16.46 30.31 -3.51
CA LYS B 165 -17.54 29.40 -3.16
C LYS B 165 -17.26 28.73 -1.82
N THR B 166 -18.06 29.13 -0.83
CA THR B 166 -17.87 28.71 0.54
C THR B 166 -18.90 27.67 0.93
N TYR B 167 -18.45 26.46 1.31
CA TYR B 167 -19.38 25.43 1.83
C TYR B 167 -18.98 24.69 3.11
N PHE B 168 -20.02 24.34 3.88
CA PHE B 168 -19.93 23.95 5.29
C PHE B 168 -21.19 23.21 5.77
N TRP B 169 -20.97 22.14 6.55
CA TRP B 169 -21.96 21.07 6.77
C TRP B 169 -21.66 20.26 8.03
N LYS B 170 -22.71 19.77 8.70
CA LYS B 170 -22.51 18.87 9.83
C LYS B 170 -21.90 17.60 9.28
N VAL B 171 -20.88 17.09 9.95
CA VAL B 171 -20.29 15.81 9.58
C VAL B 171 -20.89 14.70 10.43
N GLN B 172 -22.01 14.17 9.97
CA GLN B 172 -22.74 13.13 10.67
C GLN B 172 -21.89 11.86 10.89
N HIS B 173 -22.41 10.94 11.69
CA HIS B 173 -21.86 9.59 11.88
C HIS B 173 -21.81 8.76 10.57
N HIS B 174 -22.54 9.23 9.55
CA HIS B 174 -22.34 8.91 8.14
C HIS B 174 -20.82 8.71 7.83
N MET B 175 -20.05 9.80 7.93
CA MET B 175 -18.59 9.82 7.66
C MET B 175 -17.69 9.27 8.79
N ALA B 176 -18.27 8.89 9.92
CA ALA B 176 -17.45 8.48 11.06
C ALA B 176 -17.03 7.02 11.01
N PRO B 177 -15.80 6.73 11.50
CA PRO B 177 -15.33 5.40 11.85
C PRO B 177 -16.01 4.86 13.11
N THR B 178 -15.96 3.54 13.32
CA THR B 178 -16.77 2.84 14.34
C THR B 178 -15.97 2.16 15.46
N LYS B 179 -16.70 1.61 16.44
CA LYS B 179 -16.12 0.88 17.58
C LYS B 179 -15.28 -0.32 17.16
N ASP B 180 -15.64 -0.89 16.01
CA ASP B 180 -14.92 -1.99 15.41
C ASP B 180 -13.64 -1.45 14.76
N GLU B 181 -13.70 -0.19 14.31
CA GLU B 181 -12.68 0.39 13.42
C GLU B 181 -11.42 0.96 14.10
N PHE B 182 -10.83 2.00 13.49
CA PHE B 182 -9.62 2.68 14.00
C PHE B 182 -9.93 4.04 14.57
N ASP B 183 -8.94 4.66 15.21
CA ASP B 183 -9.13 5.98 15.83
C ASP B 183 -9.51 7.04 14.80
N CYS B 184 -9.27 6.75 13.51
CA CYS B 184 -9.68 7.64 12.44
C CYS B 184 -9.76 6.96 11.06
N LYS B 185 -10.82 7.27 10.30
CA LYS B 185 -11.01 6.77 8.93
C LYS B 185 -10.47 7.80 7.92
N ALA B 186 -10.31 7.39 6.67
CA ALA B 186 -9.72 8.26 5.62
C ALA B 186 -10.58 8.41 4.36
N TRP B 187 -10.71 9.67 3.92
CA TRP B 187 -11.62 10.04 2.85
C TRP B 187 -10.96 10.98 1.88
N ALA B 188 -11.45 10.99 0.64
CA ALA B 188 -10.87 11.83 -0.38
C ALA B 188 -11.72 13.06 -0.68
N TYR B 189 -11.05 14.16 -0.99
CA TYR B 189 -11.68 15.30 -1.66
C TYR B 189 -10.92 15.60 -2.93
N PHE B 190 -11.64 16.06 -3.96
CA PHE B 190 -11.04 16.48 -5.25
C PHE B 190 -11.94 17.40 -6.07
N SER B 191 -11.45 17.86 -7.22
CA SER B 191 -12.30 18.66 -8.09
C SER B 191 -13.22 17.80 -8.94
N ASP B 192 -14.51 18.09 -8.85
CA ASP B 192 -15.54 17.33 -9.55
C ASP B 192 -16.01 18.02 -10.84
N VAL B 193 -15.39 19.16 -11.17
CA VAL B 193 -15.61 19.82 -12.44
C VAL B 193 -15.29 18.82 -13.56
N ASP B 194 -14.13 18.19 -13.49
CA ASP B 194 -13.86 17.02 -14.33
C ASP B 194 -13.06 15.96 -13.59
N LEU B 195 -13.76 15.29 -12.66
CA LEU B 195 -13.22 14.14 -11.89
C LEU B 195 -12.24 13.25 -12.64
N GLU B 196 -12.41 13.16 -13.96
CA GLU B 196 -11.52 12.44 -14.86
C GLU B 196 -10.17 13.16 -15.02
N LYS B 197 -10.21 14.39 -15.52
CA LYS B 197 -8.99 15.15 -15.78
C LYS B 197 -8.42 15.78 -14.52
N ASP B 198 -9.29 16.39 -13.70
CA ASP B 198 -8.90 17.17 -12.50
C ASP B 198 -8.31 16.31 -11.37
N VAL B 199 -7.88 15.11 -11.74
CA VAL B 199 -7.22 14.14 -10.84
C VAL B 199 -5.77 13.87 -11.35
N HIS B 200 -5.60 13.84 -12.68
CA HIS B 200 -4.28 13.81 -13.31
C HIS B 200 -3.74 15.24 -13.30
N SER B 201 -4.66 16.19 -13.31
CA SER B 201 -4.34 17.61 -13.24
C SER B 201 -3.63 17.94 -11.95
N GLY B 202 -4.23 17.54 -10.84
CA GLY B 202 -3.57 17.69 -9.55
C GLY B 202 -4.40 18.29 -8.44
N LEU B 203 -5.60 17.77 -8.25
CA LEU B 203 -6.40 18.21 -7.13
C LEU B 203 -6.82 17.01 -6.28
N ILE B 204 -5.84 16.20 -5.89
CA ILE B 204 -6.01 15.12 -4.91
C ILE B 204 -6.00 15.81 -3.55
N GLY B 205 -6.83 15.33 -2.63
CA GLY B 205 -6.86 15.86 -1.27
C GLY B 205 -7.34 14.88 -0.19
N PRO B 206 -6.71 14.91 1.01
CA PRO B 206 -7.00 14.02 2.14
C PRO B 206 -7.95 14.60 3.18
N LEU B 207 -8.78 13.76 3.77
CA LEU B 207 -9.75 14.21 4.72
C LEU B 207 -9.89 13.17 5.81
N LEU B 208 -9.78 13.61 7.06
CA LEU B 208 -9.74 12.70 8.20
C LEU B 208 -10.90 12.92 9.17
N VAL B 209 -11.55 11.83 9.55
CA VAL B 209 -12.76 11.90 10.35
C VAL B 209 -12.56 11.06 11.60
N CYS B 210 -12.58 11.71 12.78
CA CYS B 210 -12.12 11.07 14.02
C CYS B 210 -13.18 10.86 15.12
N HIS B 211 -12.94 9.88 15.99
CA HIS B 211 -13.76 9.67 17.20
C HIS B 211 -13.69 10.91 18.05
N THR B 212 -14.69 11.12 18.90
CA THR B 212 -14.66 12.28 19.80
C THR B 212 -13.56 12.11 20.84
N ASN B 213 -12.95 13.23 21.21
CA ASN B 213 -11.81 13.28 22.11
C ASN B 213 -10.59 12.52 21.56
N THR B 214 -10.19 12.88 20.35
CA THR B 214 -9.00 12.28 19.70
C THR B 214 -8.03 13.33 19.16
N LEU B 215 -8.54 14.53 18.90
CA LEU B 215 -7.70 15.65 18.46
C LEU B 215 -7.18 16.46 19.66
N ASN B 216 -6.74 17.70 19.44
CA ASN B 216 -6.04 18.43 20.49
C ASN B 216 -6.23 19.93 20.42
N PRO B 217 -5.70 20.65 21.41
CA PRO B 217 -5.35 22.04 21.16
C PRO B 217 -4.19 22.17 20.16
N ALA B 218 -3.26 21.21 20.16
CA ALA B 218 -2.03 21.28 19.34
C ALA B 218 -2.26 21.09 17.83
N HIS B 219 -3.52 21.11 17.39
CA HIS B 219 -3.99 20.83 15.99
C HIS B 219 -3.71 19.39 15.51
N GLY B 220 -4.71 18.76 14.90
CA GLY B 220 -4.59 17.38 14.49
C GLY B 220 -4.59 16.51 15.72
N ARG B 221 -4.09 15.28 15.60
CA ARG B 221 -3.97 14.40 16.77
C ARG B 221 -2.52 14.00 16.95
N GLN B 222 -2.25 13.20 17.98
CA GLN B 222 -0.90 12.71 18.23
C GLN B 222 -0.76 11.71 19.38
N VAL B 223 -1.87 11.38 20.04
CA VAL B 223 -1.90 10.41 21.15
C VAL B 223 -1.29 9.08 20.70
N THR B 224 0.03 9.02 20.79
CA THR B 224 0.89 7.97 20.15
C THR B 224 0.51 7.76 18.66
N VAL B 225 0.44 8.87 17.91
CA VAL B 225 -0.06 8.80 16.54
C VAL B 225 1.05 8.90 15.48
N GLN B 226 1.24 10.09 14.90
CA GLN B 226 2.14 10.28 13.76
C GLN B 226 1.53 9.63 12.54
N GLU B 227 0.86 10.46 11.75
CA GLU B 227 0.13 9.99 10.59
C GLU B 227 0.86 10.38 9.31
N PHE B 228 0.67 9.57 8.26
CA PHE B 228 1.07 9.93 6.89
C PHE B 228 0.05 9.46 5.83
N ALA B 229 -0.19 10.30 4.84
CA ALA B 229 -1.01 9.90 3.70
C ALA B 229 -0.15 9.45 2.48
N LEU B 230 -0.65 8.49 1.71
CA LEU B 230 0.01 8.07 0.47
C LEU B 230 -0.98 7.88 -0.73
N PHE B 231 -0.62 8.46 -1.89
CA PHE B 231 -1.57 8.99 -2.89
C PHE B 231 -1.41 8.40 -4.27
N LEU B 232 -1.28 7.08 -4.32
CA LEU B 232 -0.74 6.37 -5.49
C LEU B 232 -1.61 6.37 -6.80
N THR B 233 -1.19 7.22 -7.75
CA THR B 233 -1.80 7.35 -9.07
C THR B 233 -0.67 7.14 -10.07
N ILE B 234 -1.03 7.10 -11.36
CA ILE B 234 -0.07 7.19 -12.47
C ILE B 234 -0.50 8.35 -13.35
N PHE B 235 0.00 9.54 -13.04
CA PHE B 235 -0.44 10.78 -13.66
C PHE B 235 -0.22 10.71 -15.15
N ASP B 236 -1.06 11.43 -15.92
CA ASP B 236 -0.93 11.53 -17.39
C ASP B 236 -1.40 12.87 -17.95
N GLU B 237 -0.69 13.39 -18.94
CA GLU B 237 -1.09 14.65 -19.55
C GLU B 237 -1.58 14.51 -20.99
N THR B 238 -2.71 13.83 -21.13
CA THR B 238 -3.66 14.12 -22.21
C THR B 238 -4.78 14.87 -21.48
N LYS B 239 -4.50 15.19 -20.22
CA LYS B 239 -5.49 15.71 -19.29
C LYS B 239 -5.04 17.06 -18.71
N SER B 240 -6.02 17.95 -18.49
CA SER B 240 -5.82 19.32 -17.96
C SER B 240 -4.82 20.20 -18.69
N TRP B 241 -5.34 21.21 -19.38
CA TRP B 241 -4.59 22.26 -20.10
C TRP B 241 -3.15 21.98 -20.61
N TYR B 242 -2.72 20.72 -20.65
CA TYR B 242 -1.32 20.37 -20.95
C TYR B 242 -0.75 21.01 -22.23
N PHE B 243 -1.65 21.40 -23.15
CA PHE B 243 -1.28 22.21 -24.32
C PHE B 243 -0.32 23.34 -23.94
N THR B 244 -0.66 24.07 -22.87
CA THR B 244 0.24 25.10 -22.30
C THR B 244 1.46 24.48 -21.60
N GLU B 245 2.00 23.42 -22.20
CA GLU B 245 3.23 22.79 -21.70
C GLU B 245 4.02 22.23 -22.87
N ASN B 246 3.33 21.60 -23.81
CA ASN B 246 3.98 20.99 -24.97
C ASN B 246 4.69 22.00 -25.86
N MET B 247 4.03 23.12 -26.12
CA MET B 247 4.64 24.19 -26.90
C MET B 247 4.90 25.44 -26.05
N GLU B 248 4.79 25.28 -24.72
CA GLU B 248 5.21 26.30 -23.77
C GLU B 248 6.69 26.09 -23.44
N ARG B 249 7.04 24.84 -23.19
CA ARG B 249 8.40 24.44 -22.91
C ARG B 249 8.69 23.20 -23.76
N ASN B 250 9.97 22.88 -23.96
CA ASN B 250 10.42 21.77 -24.82
C ASN B 250 10.44 22.07 -26.32
N CYS B 251 9.95 23.25 -26.71
CA CYS B 251 9.84 23.59 -28.12
C CYS B 251 10.01 25.07 -28.44
N ARG B 252 10.79 25.34 -29.50
CA ARG B 252 10.97 26.68 -30.06
C ARG B 252 11.10 26.55 -31.59
N ALA B 253 12.30 26.82 -32.10
CA ALA B 253 12.66 26.52 -33.51
C ALA B 253 13.23 25.09 -33.72
N PRO B 254 13.66 24.39 -32.63
CA PRO B 254 13.84 22.94 -32.65
C PRO B 254 12.61 22.16 -32.10
N CYS B 255 11.58 22.04 -32.93
CA CYS B 255 10.34 21.38 -32.54
C CYS B 255 9.89 20.34 -33.59
N ASN B 256 8.58 20.13 -33.70
CA ASN B 256 7.97 19.13 -34.60
C ASN B 256 8.62 17.73 -34.51
N ILE B 257 8.71 17.23 -33.27
CA ILE B 257 9.27 15.91 -32.98
C ILE B 257 8.34 15.12 -32.04
N GLN B 258 7.75 14.05 -32.57
CA GLN B 258 6.79 13.16 -31.85
C GLN B 258 5.48 13.85 -31.43
N MET B 259 4.41 13.62 -32.22
CA MET B 259 3.09 14.18 -31.94
C MET B 259 2.33 13.46 -30.80
N GLU B 260 2.08 12.16 -30.99
CA GLU B 260 1.51 11.29 -29.95
C GLU B 260 2.05 9.86 -30.10
N ASP B 261 2.98 9.67 -31.06
CA ASP B 261 3.71 8.41 -31.29
C ASP B 261 4.86 8.28 -30.29
N PRO B 262 5.24 7.03 -29.91
CA PRO B 262 5.95 6.62 -28.67
C PRO B 262 6.46 7.72 -27.70
N THR B 263 5.70 8.80 -27.56
CA THR B 263 6.10 9.98 -26.79
C THR B 263 5.68 9.89 -25.34
N PHE B 264 4.46 9.37 -25.10
CA PHE B 264 3.90 9.14 -23.76
C PHE B 264 4.65 9.82 -22.60
N LYS B 265 4.38 11.12 -22.35
CA LYS B 265 5.22 11.92 -21.46
C LYS B 265 5.07 11.69 -19.97
N GLU B 266 4.02 10.96 -19.57
CA GLU B 266 3.80 10.56 -18.17
C GLU B 266 3.85 9.05 -17.99
N ASN B 267 3.50 8.33 -19.05
CA ASN B 267 3.97 6.97 -19.30
C ASN B 267 5.38 7.04 -19.98
N TYR B 268 6.06 8.16 -19.71
CA TYR B 268 7.49 8.37 -19.92
C TYR B 268 8.08 8.51 -18.52
N ARG B 269 7.19 8.78 -17.55
CA ARG B 269 7.54 9.13 -16.18
C ARG B 269 6.46 8.67 -15.21
N PHE B 270 5.50 9.56 -14.99
CA PHE B 270 4.68 9.68 -13.77
C PHE B 270 4.00 8.44 -13.17
N HIS B 271 4.59 7.95 -12.07
CA HIS B 271 4.06 6.85 -11.27
C HIS B 271 3.97 7.27 -9.80
N ALA B 272 3.07 8.23 -9.56
CA ALA B 272 2.95 8.94 -8.29
C ALA B 272 2.84 8.12 -6.99
N ILE B 273 3.47 8.66 -5.95
CA ILE B 273 3.23 8.39 -4.53
C ILE B 273 3.04 9.79 -3.96
N ASN B 274 2.53 10.68 -4.81
CA ASN B 274 2.31 12.09 -4.49
C ASN B 274 2.56 12.99 -5.69
N GLY B 275 3.71 12.77 -6.33
CA GLY B 275 4.18 13.68 -7.35
C GLY B 275 5.51 14.28 -6.94
N TYR B 276 6.08 13.75 -5.84
CA TYR B 276 7.53 13.81 -5.54
C TYR B 276 8.14 12.46 -5.92
N ILE B 277 7.48 11.83 -6.89
CA ILE B 277 7.62 10.42 -7.17
C ILE B 277 8.41 10.21 -8.41
N MET B 278 9.66 10.56 -8.21
CA MET B 278 10.72 9.98 -8.92
C MET B 278 10.76 8.57 -8.33
N ASP B 279 11.90 8.25 -7.73
CA ASP B 279 12.08 7.04 -6.99
C ASP B 279 12.58 7.56 -5.64
N THR B 280 11.93 8.63 -5.17
CA THR B 280 12.24 9.31 -3.89
C THR B 280 11.42 10.61 -3.57
N LEU B 281 10.54 10.52 -2.57
CA LEU B 281 9.79 11.66 -2.03
C LEU B 281 10.24 11.88 -0.59
N PRO B 282 10.07 13.11 -0.07
CA PRO B 282 10.73 13.55 1.16
C PRO B 282 10.23 12.98 2.52
N GLY B 283 9.24 13.65 3.10
CA GLY B 283 8.99 13.62 4.54
C GLY B 283 8.46 12.36 5.21
N LEU B 284 9.27 11.30 5.23
CA LEU B 284 8.85 10.10 5.93
C LEU B 284 9.65 9.89 7.22
N VAL B 285 9.52 10.84 8.13
CA VAL B 285 10.23 10.82 9.41
C VAL B 285 9.37 10.13 10.46
N MET B 286 9.90 9.10 11.12
CA MET B 286 9.21 8.55 12.31
C MET B 286 10.03 7.77 13.35
N ALA B 287 9.59 7.92 14.61
CA ALA B 287 10.18 7.30 15.78
C ALA B 287 9.91 5.81 15.81
N GLN B 288 10.98 5.03 15.87
CA GLN B 288 10.87 3.58 15.77
C GLN B 288 9.92 2.90 16.78
N ASP B 289 9.20 3.70 17.56
CA ASP B 289 8.10 3.19 18.35
C ASP B 289 6.79 3.89 18.09
N GLN B 290 6.63 5.13 18.58
CA GLN B 290 5.40 5.93 18.36
C GLN B 290 4.76 5.39 17.11
N ARG B 291 3.84 4.43 17.31
CA ARG B 291 3.27 3.57 16.26
C ARG B 291 2.46 4.35 15.25
N ILE B 292 2.80 4.14 13.98
CA ILE B 292 2.46 5.06 12.91
C ILE B 292 1.25 4.59 12.12
N ARG B 293 0.32 5.50 11.89
CA ARG B 293 -0.85 5.17 11.09
C ARG B 293 -0.67 5.70 9.68
N TRP B 294 -0.90 4.81 8.70
CA TRP B 294 -0.76 5.09 7.28
C TRP B 294 -2.12 5.28 6.62
N TYR B 295 -2.26 6.34 5.82
CA TYR B 295 -3.50 6.60 5.09
C TYR B 295 -3.36 6.36 3.59
N LEU B 296 -3.55 5.12 3.15
CA LEU B 296 -3.38 4.77 1.75
C LEU B 296 -4.66 4.96 0.93
N LEU B 297 -4.63 5.89 -0.04
CA LEU B 297 -5.74 6.10 -1.02
C LEU B 297 -5.23 6.14 -2.49
N SER B 298 -5.48 5.05 -3.22
CA SER B 298 -5.23 4.96 -4.66
C SER B 298 -6.33 5.64 -5.46
N MET B 299 -5.96 6.22 -6.60
CA MET B 299 -6.89 6.98 -7.43
C MET B 299 -6.79 6.63 -8.90
N GLY B 300 -6.79 7.65 -9.76
CA GLY B 300 -6.51 7.51 -11.21
C GLY B 300 -7.55 6.89 -12.14
N SER B 301 -7.10 5.89 -12.90
CA SER B 301 -7.88 5.25 -13.98
C SER B 301 -8.28 3.81 -13.64
N ASN B 302 -8.37 2.97 -14.66
CA ASN B 302 -8.83 1.60 -14.46
C ASN B 302 -7.73 0.54 -14.54
N GLU B 303 -6.49 0.99 -14.61
CA GLU B 303 -5.35 0.11 -14.44
C GLU B 303 -4.69 0.46 -13.12
N ASN B 304 -5.22 1.49 -12.47
CA ASN B 304 -4.61 2.04 -11.28
C ASN B 304 -4.79 1.23 -9.98
N ILE B 305 -4.80 -0.10 -10.11
CA ILE B 305 -4.59 -0.96 -8.96
C ILE B 305 -3.15 -0.78 -8.59
N HIS B 306 -2.87 -0.65 -7.30
CA HIS B 306 -1.50 -0.63 -6.85
C HIS B 306 -1.40 -1.47 -5.59
N SER B 307 -0.43 -2.37 -5.59
CA SER B 307 -0.27 -3.27 -4.48
C SER B 307 1.03 -2.92 -3.75
N ILE B 308 0.88 -2.14 -2.66
CA ILE B 308 1.99 -1.54 -1.90
C ILE B 308 2.32 -2.37 -0.68
N HIS B 309 3.61 -2.38 -0.35
CA HIS B 309 4.09 -2.85 0.95
C HIS B 309 5.33 -2.10 1.42
N PHE B 310 5.67 -2.35 2.68
CA PHE B 310 6.79 -1.72 3.36
C PHE B 310 7.74 -2.82 3.75
N SER B 311 8.92 -2.84 3.12
CA SER B 311 9.85 -3.95 3.32
C SER B 311 10.11 -4.16 4.79
N GLY B 312 10.24 -5.43 5.19
CA GLY B 312 10.64 -5.80 6.55
C GLY B 312 9.82 -5.14 7.65
N HIS B 313 8.54 -4.96 7.34
CA HIS B 313 7.59 -4.37 8.24
C HIS B 313 6.28 -5.08 7.98
N VAL B 314 5.39 -5.06 8.96
CA VAL B 314 4.05 -5.63 8.82
C VAL B 314 3.07 -4.74 9.54
N PHE B 315 1.87 -4.65 8.99
CA PHE B 315 0.83 -3.79 9.54
C PHE B 315 -0.50 -4.49 9.77
N THR B 316 -1.35 -3.88 10.58
CA THR B 316 -2.60 -4.50 10.94
C THR B 316 -3.73 -3.67 10.32
N VAL B 317 -4.75 -4.33 9.77
CA VAL B 317 -5.95 -3.62 9.29
C VAL B 317 -7.20 -4.07 10.01
N ARG B 318 -8.07 -3.11 10.26
CA ARG B 318 -9.37 -3.30 10.90
C ARG B 318 -10.47 -3.34 9.85
N LYS B 319 -11.62 -3.86 10.23
CA LYS B 319 -12.70 -4.07 9.30
C LYS B 319 -13.79 -4.59 10.21
N LYS B 320 -14.15 -5.85 10.02
CA LYS B 320 -14.92 -6.58 11.00
C LYS B 320 -14.09 -6.55 12.29
N GLU B 321 -12.91 -7.20 12.25
CA GLU B 321 -11.93 -7.17 13.32
C GLU B 321 -10.66 -6.49 12.87
N GLU B 322 -9.55 -6.96 13.41
CA GLU B 322 -8.24 -6.55 12.97
C GLU B 322 -7.51 -7.82 12.58
N TYR B 323 -7.11 -7.90 11.32
CA TYR B 323 -6.25 -8.99 10.88
C TYR B 323 -4.99 -8.55 10.13
N LYS B 324 -3.91 -9.32 10.34
CA LYS B 324 -2.55 -8.88 10.05
C LYS B 324 -2.16 -9.16 8.62
N MET B 325 -1.54 -8.17 7.98
CA MET B 325 -1.27 -8.21 6.54
C MET B 325 0.09 -7.58 6.15
N ALA B 326 0.66 -8.06 5.04
CA ALA B 326 2.01 -7.64 4.62
C ALA B 326 2.03 -6.64 3.46
N LEU B 327 0.98 -6.66 2.63
CA LEU B 327 0.80 -5.69 1.54
C LEU B 327 -0.64 -5.58 1.08
N TYR B 328 -1.01 -4.42 0.55
CA TYR B 328 -2.43 -4.12 0.31
C TYR B 328 -2.75 -3.59 -1.10
N ASN B 329 -3.43 -4.42 -1.88
CA ASN B 329 -3.94 -4.04 -3.18
C ASN B 329 -4.86 -2.87 -2.99
N LEU B 330 -4.28 -1.68 -3.01
CA LEU B 330 -5.06 -0.48 -3.08
C LEU B 330 -5.91 -0.53 -4.33
N TYR B 331 -7.16 -0.15 -4.21
CA TYR B 331 -7.99 -0.04 -5.39
C TYR B 331 -8.30 1.43 -5.66
N PRO B 332 -8.68 1.77 -6.89
CA PRO B 332 -9.16 3.13 -7.08
C PRO B 332 -10.51 3.31 -6.39
N GLY B 333 -10.54 4.24 -5.43
CA GLY B 333 -11.73 4.60 -4.65
C GLY B 333 -11.84 3.98 -3.26
N VAL B 334 -10.82 3.20 -2.87
CA VAL B 334 -10.80 2.51 -1.58
C VAL B 334 -9.74 3.14 -0.69
N PHE B 335 -10.23 3.81 0.34
CA PHE B 335 -9.43 4.73 1.11
C PHE B 335 -9.02 4.05 2.41
N GLU B 336 -7.84 3.46 2.35
CA GLU B 336 -7.36 2.62 3.42
C GLU B 336 -6.76 3.36 4.61
N THR B 337 -7.12 2.90 5.81
CA THR B 337 -6.32 3.22 6.99
C THR B 337 -5.75 1.93 7.57
N VAL B 338 -4.44 1.96 7.82
CA VAL B 338 -3.72 0.84 8.39
C VAL B 338 -2.58 1.34 9.30
N GLU B 339 -2.36 0.64 10.42
CA GLU B 339 -1.36 1.01 11.44
C GLU B 339 -0.28 -0.07 11.64
N MET B 340 0.92 0.37 12.01
CA MET B 340 2.06 -0.53 12.28
C MET B 340 3.06 0.01 13.32
N LEU B 341 3.82 -0.90 13.89
CA LEU B 341 4.74 -0.60 14.99
C LEU B 341 6.17 -0.93 14.52
N PRO B 342 6.83 0.02 13.84
CA PRO B 342 8.04 -0.23 13.03
C PRO B 342 9.28 -0.58 13.82
N SER B 343 9.16 -1.54 14.73
CA SER B 343 10.22 -1.90 15.71
C SER B 343 11.57 -2.40 15.12
N LYS B 344 11.81 -2.12 13.85
CA LYS B 344 13.14 -2.36 13.25
C LYS B 344 13.74 -1.01 12.86
N ALA B 345 14.81 -0.64 13.53
CA ALA B 345 15.45 0.65 13.33
C ALA B 345 16.28 0.65 12.06
N GLY B 346 16.61 1.85 11.58
CA GLY B 346 17.33 1.99 10.32
C GLY B 346 16.47 2.64 9.26
N ILE B 347 16.82 2.41 7.99
CA ILE B 347 16.30 3.19 6.85
C ILE B 347 15.66 2.29 5.77
N TRP B 348 14.36 2.43 5.55
CA TRP B 348 13.67 1.58 4.57
C TRP B 348 12.99 2.31 3.38
N ARG B 349 11.92 1.70 2.83
CA ARG B 349 11.14 2.24 1.67
C ARG B 349 9.74 1.60 1.42
N VAL B 350 8.88 2.33 0.70
CA VAL B 350 7.60 1.83 0.19
C VAL B 350 7.69 1.65 -1.32
N GLU B 351 7.10 0.56 -1.83
CA GLU B 351 7.13 0.22 -3.28
C GLU B 351 5.87 -0.49 -3.67
N CYS B 352 5.26 -0.04 -4.78
CA CYS B 352 4.15 -0.79 -5.38
C CYS B 352 4.71 -2.03 -6.03
N LEU B 353 4.45 -3.18 -5.43
CA LEU B 353 5.18 -4.38 -5.78
C LEU B 353 4.93 -4.81 -7.22
N ILE B 354 4.04 -4.12 -7.92
CA ILE B 354 3.65 -4.53 -9.28
C ILE B 354 4.73 -4.33 -10.33
N GLY B 355 5.56 -5.36 -10.50
CA GLY B 355 6.72 -5.36 -11.38
C GLY B 355 7.01 -4.09 -12.17
N GLU B 356 6.16 -3.82 -13.16
CA GLU B 356 6.40 -2.76 -14.14
C GLU B 356 6.19 -1.37 -13.54
N HIS B 357 5.44 -1.32 -12.44
CA HIS B 357 5.24 -0.07 -11.71
C HIS B 357 6.48 0.33 -10.90
N LEU B 358 7.06 -0.64 -10.19
CA LEU B 358 8.29 -0.41 -9.43
C LEU B 358 9.37 0.11 -10.34
N HIS B 359 9.50 -0.48 -11.53
CA HIS B 359 10.61 -0.16 -12.42
C HIS B 359 10.50 1.15 -13.20
N ALA B 360 9.52 1.96 -12.83
CA ALA B 360 9.42 3.34 -13.26
C ALA B 360 8.75 4.15 -12.18
N GLY B 361 9.31 4.08 -10.97
CA GLY B 361 9.00 5.03 -9.91
C GLY B 361 8.02 4.65 -8.83
N MET B 362 8.46 3.79 -7.91
CA MET B 362 7.81 3.63 -6.59
C MET B 362 8.82 3.47 -5.43
N SER B 363 10.08 3.10 -5.73
CA SER B 363 11.14 2.80 -4.70
C SER B 363 11.52 4.04 -3.88
N THR B 364 10.56 4.45 -3.03
CA THR B 364 10.52 5.76 -2.38
C THR B 364 10.68 5.74 -0.83
N LEU B 365 11.91 5.96 -0.40
CA LEU B 365 12.38 5.76 0.97
C LEU B 365 11.54 6.33 2.13
N PHE B 366 11.62 5.62 3.27
CA PHE B 366 11.23 6.10 4.60
C PHE B 366 12.22 5.65 5.69
N LEU B 367 12.40 6.52 6.69
CA LEU B 367 13.41 6.35 7.71
C LEU B 367 12.83 6.19 9.12
N VAL B 368 13.35 5.21 9.86
CA VAL B 368 13.08 5.06 11.29
C VAL B 368 14.35 5.18 12.14
N TYR B 369 14.29 6.11 13.08
CA TYR B 369 15.36 6.37 14.03
C TYR B 369 14.94 5.82 15.38
N SER B 370 15.93 5.55 16.23
CA SER B 370 15.69 5.38 17.65
C SER B 370 15.85 6.77 18.22
N ASN B 371 15.17 7.04 19.33
CA ASN B 371 15.36 8.30 20.02
C ASN B 371 16.03 7.98 21.34
N LYS B 372 16.40 6.70 21.49
CA LYS B 372 17.33 6.28 22.53
C LYS B 372 18.78 6.53 22.07
N CYS B 373 18.90 7.02 20.85
CA CYS B 373 20.15 7.50 20.28
C CYS B 373 20.17 9.00 20.44
N GLN B 374 21.13 9.50 21.20
CA GLN B 374 21.29 10.94 21.29
C GLN B 374 22.61 11.25 22.01
N THR B 375 23.67 11.47 21.24
CA THR B 375 24.93 11.88 21.84
C THR B 375 25.26 13.29 21.39
N PRO B 376 26.00 14.03 22.22
CA PRO B 376 26.59 15.26 21.72
C PRO B 376 27.23 15.02 20.36
N LEU B 377 26.87 15.83 19.38
CA LEU B 377 27.41 15.70 18.03
C LEU B 377 28.89 16.09 17.85
N GLY B 378 29.55 16.41 18.97
CA GLY B 378 30.95 16.84 18.97
C GLY B 378 31.20 18.34 18.86
N MET B 379 31.19 19.04 20.00
CA MET B 379 31.63 20.44 20.03
C MET B 379 32.75 20.58 21.03
N ALA B 380 32.84 19.64 21.97
CA ALA B 380 34.10 19.46 22.65
C ALA B 380 34.84 18.45 21.81
N SER B 381 34.19 17.32 21.58
CA SER B 381 34.78 16.20 20.83
C SER B 381 34.44 16.22 19.30
N GLY B 382 34.80 17.32 18.65
CA GLY B 382 34.38 17.49 17.28
C GLY B 382 35.48 17.70 16.29
N HIS B 383 35.92 18.95 16.19
CA HIS B 383 36.52 19.48 14.99
C HIS B 383 37.13 20.84 15.27
N ILE B 384 38.46 20.86 15.45
CA ILE B 384 39.27 21.97 16.04
C ILE B 384 38.87 23.43 15.68
N ARG B 385 38.70 23.69 14.38
CA ARG B 385 38.05 24.91 13.88
C ARG B 385 37.31 24.51 12.62
N ASP B 386 36.12 23.92 12.82
CA ASP B 386 35.35 23.31 11.76
C ASP B 386 34.88 24.35 10.74
N PHE B 387 33.67 24.88 10.98
CA PHE B 387 32.96 25.80 10.10
C PHE B 387 32.33 26.90 10.95
N GLN B 388 32.05 28.05 10.34
CA GLN B 388 31.63 29.25 11.09
C GLN B 388 30.55 30.12 10.40
N ILE B 389 30.97 30.99 9.50
CA ILE B 389 30.10 31.87 8.69
C ILE B 389 30.80 32.26 7.34
N THR B 390 30.61 33.51 6.90
CA THR B 390 31.26 34.09 5.71
C THR B 390 31.23 35.65 5.67
N ALA B 391 30.58 36.25 6.67
CA ALA B 391 30.59 37.70 6.95
C ALA B 391 29.83 37.99 8.27
N SER B 392 28.75 37.24 8.48
CA SER B 392 27.96 37.33 9.70
C SER B 392 28.84 36.81 10.79
N GLY B 393 29.44 37.71 11.57
CA GLY B 393 30.25 37.29 12.70
C GLY B 393 31.65 37.89 12.73
N GLN B 394 31.86 38.75 13.72
CA GLN B 394 33.13 39.45 13.89
C GLN B 394 33.13 40.23 15.20
N TYR B 395 34.24 40.11 15.91
CA TYR B 395 34.56 40.99 17.03
C TYR B 395 35.91 40.55 17.59
N GLY B 396 36.99 40.82 16.86
CA GLY B 396 38.36 40.50 17.30
C GLY B 396 38.52 39.10 17.87
N GLN B 397 38.04 38.93 19.11
CA GLN B 397 37.69 37.64 19.72
C GLN B 397 36.56 37.05 18.88
N TRP B 398 36.94 36.24 17.91
CA TRP B 398 36.07 36.03 16.76
C TRP B 398 34.87 35.12 17.01
N ALA B 399 34.29 34.75 15.88
CA ALA B 399 33.16 33.84 15.76
C ALA B 399 33.46 32.49 16.39
N PRO B 400 32.67 31.47 16.00
CA PRO B 400 33.21 30.14 16.08
C PRO B 400 34.57 30.15 15.42
N LYS B 401 35.30 29.09 15.69
CA LYS B 401 36.74 29.07 15.75
C LYS B 401 36.85 28.53 17.16
N LEU B 402 35.88 28.99 17.98
CA LEU B 402 35.91 28.87 19.44
C LEU B 402 34.55 29.16 20.10
N ALA B 403 33.44 28.83 19.43
CA ALA B 403 32.12 29.13 20.01
C ALA B 403 31.38 27.94 20.65
N ARG B 404 32.14 27.05 21.26
CA ARG B 404 31.61 25.80 21.77
C ARG B 404 31.08 25.97 23.16
N LEU B 405 30.32 24.97 23.60
CA LEU B 405 29.79 24.92 24.96
C LEU B 405 30.93 24.74 25.96
N HIS B 406 30.81 25.41 27.10
CA HIS B 406 31.71 25.27 28.26
C HIS B 406 33.12 25.82 28.09
N TYR B 407 33.42 26.31 26.89
CA TYR B 407 34.77 26.81 26.58
C TYR B 407 35.23 27.93 27.56
N SER B 408 36.16 27.56 28.45
CA SER B 408 36.69 28.46 29.48
C SER B 408 37.66 29.48 28.89
N GLY B 409 37.81 30.60 29.60
CA GLY B 409 38.74 31.66 29.24
C GLY B 409 38.08 33.03 29.17
N SER B 410 38.86 34.04 28.80
CA SER B 410 38.32 35.35 28.54
C SER B 410 37.98 35.55 27.04
N ILE B 411 38.81 34.98 26.16
CA ILE B 411 38.63 35.04 24.69
C ILE B 411 37.66 33.96 24.18
N ASN B 412 36.47 33.83 24.79
CA ASN B 412 35.68 32.59 24.63
C ASN B 412 34.22 32.65 24.11
N ALA B 413 34.03 32.22 22.86
CA ALA B 413 32.70 32.08 22.20
C ALA B 413 32.45 33.03 21.01
N TRP B 414 31.21 33.05 20.52
CA TRP B 414 30.86 33.91 19.37
C TRP B 414 30.32 35.26 19.82
N SER B 415 30.49 36.26 18.96
CA SER B 415 30.51 37.66 19.37
C SER B 415 30.30 38.65 18.21
N THR B 416 29.07 39.11 17.98
CA THR B 416 28.83 40.10 16.91
C THR B 416 27.69 41.06 17.21
N LYS B 417 28.01 42.34 17.28
CA LYS B 417 26.97 43.36 17.38
C LYS B 417 26.41 43.59 16.00
N GLU B 418 25.56 42.66 15.58
CA GLU B 418 25.05 42.66 14.21
C GLU B 418 23.56 42.31 14.16
N PRO B 419 22.71 43.31 13.82
CA PRO B 419 21.25 43.12 13.71
C PRO B 419 20.88 41.98 12.78
N PHE B 420 21.74 41.74 11.78
CA PHE B 420 21.59 40.65 10.83
C PHE B 420 22.76 39.67 10.98
N SER B 421 22.54 38.58 11.70
CA SER B 421 23.64 37.67 12.03
C SER B 421 23.32 36.24 11.73
N TRP B 422 24.33 35.36 11.88
CA TRP B 422 24.17 33.88 11.85
C TRP B 422 25.47 33.08 11.87
N ILE B 423 25.42 31.87 12.45
CA ILE B 423 26.52 30.89 12.35
C ILE B 423 26.13 29.52 11.77
N LYS B 424 27.13 28.80 11.29
CA LYS B 424 26.93 27.70 10.35
C LYS B 424 27.89 26.57 10.71
N VAL B 425 27.34 25.37 10.83
CA VAL B 425 28.14 24.19 11.15
C VAL B 425 28.03 23.15 10.05
N ASP B 426 29.13 22.92 9.34
CA ASP B 426 29.16 21.78 8.40
C ASP B 426 29.35 20.46 9.17
N LEU B 427 28.26 19.71 9.32
CA LEU B 427 28.33 18.42 9.94
C LEU B 427 29.00 17.38 9.05
N LEU B 428 29.48 17.81 7.88
CA LEU B 428 30.24 16.98 6.93
C LEU B 428 29.56 15.66 6.52
N ALA B 429 28.24 15.60 6.66
CA ALA B 429 27.44 14.41 6.33
C ALA B 429 25.99 14.63 6.73
N PRO B 430 25.03 14.11 5.93
CA PRO B 430 23.63 14.12 6.38
C PRO B 430 23.46 13.43 7.74
N MET B 431 22.97 14.17 8.73
CA MET B 431 22.91 13.75 10.13
C MET B 431 21.53 13.99 10.74
N ILE B 432 21.16 13.22 11.76
CA ILE B 432 19.95 13.51 12.54
C ILE B 432 20.27 14.44 13.70
N ILE B 433 19.59 15.59 13.76
CA ILE B 433 19.83 16.53 14.84
C ILE B 433 18.56 16.70 15.72
N HIS B 434 18.61 16.10 16.93
CA HIS B 434 17.46 16.04 17.88
C HIS B 434 17.28 17.28 18.72
N GLY B 435 18.33 18.09 18.82
CA GLY B 435 18.37 19.28 19.67
C GLY B 435 19.69 20.03 19.72
N ILE B 436 19.72 21.12 20.47
CA ILE B 436 20.86 22.04 20.56
C ILE B 436 20.93 22.70 21.93
N LYS B 437 21.97 22.36 22.69
CA LYS B 437 22.26 23.03 23.95
C LYS B 437 22.93 24.35 23.59
N THR B 438 22.31 25.40 24.09
CA THR B 438 22.73 26.75 23.79
C THR B 438 23.04 27.43 25.11
N GLN B 439 24.07 28.29 25.10
CA GLN B 439 24.55 28.97 26.29
C GLN B 439 25.13 30.33 25.92
N GLY B 440 25.41 31.17 26.93
CA GLY B 440 25.95 32.54 26.71
C GLY B 440 27.30 32.82 27.35
N ALA B 441 27.87 33.98 27.01
CA ALA B 441 29.17 34.32 27.57
C ALA B 441 29.08 35.42 28.64
N ARG B 442 30.24 35.85 29.17
CA ARG B 442 30.36 36.83 30.27
C ARG B 442 31.50 37.83 30.01
N GLN B 443 31.19 39.13 30.05
CA GLN B 443 32.15 40.19 29.66
C GLN B 443 32.84 40.88 30.82
N LYS B 444 33.10 42.17 30.64
CA LYS B 444 33.77 43.01 31.63
C LYS B 444 33.06 42.84 32.98
N PHE B 445 31.82 43.29 33.05
CA PHE B 445 30.91 43.01 34.16
C PHE B 445 29.53 42.85 33.57
N SER B 446 29.51 42.54 32.27
CA SER B 446 28.29 42.51 31.47
C SER B 446 27.78 41.09 31.25
N SER B 447 26.47 40.90 31.46
CA SER B 447 25.82 39.64 31.15
C SER B 447 25.35 39.73 29.70
N LEU B 448 25.95 38.94 28.79
CA LEU B 448 25.52 38.95 27.37
C LEU B 448 25.39 37.58 26.68
N TYR B 449 24.26 37.44 25.99
CA TYR B 449 23.76 36.16 25.48
C TYR B 449 22.76 36.44 24.33
N ILE B 450 22.19 35.39 23.71
CA ILE B 450 21.11 35.55 22.74
C ILE B 450 19.83 35.04 23.36
N SER B 451 18.77 35.81 23.22
CA SER B 451 17.53 35.55 23.96
C SER B 451 16.49 34.80 23.14
N GLN B 452 16.64 34.90 21.83
CA GLN B 452 15.69 34.30 20.90
C GLN B 452 16.37 33.95 19.59
N PHE B 453 15.94 32.84 18.99
CA PHE B 453 16.51 32.39 17.72
C PHE B 453 15.64 31.46 16.88
N ILE B 454 15.77 31.57 15.55
CA ILE B 454 15.19 30.61 14.63
C ILE B 454 16.27 29.75 13.99
N ILE B 455 15.86 28.55 13.58
CA ILE B 455 16.79 27.57 13.09
C ILE B 455 16.45 27.11 11.68
N MET B 456 17.35 27.45 10.74
CA MET B 456 17.27 26.98 9.35
C MET B 456 18.30 25.87 9.11
N TYR B 457 18.02 25.02 8.13
CA TYR B 457 18.96 23.95 7.77
C TYR B 457 18.95 23.61 6.29
N SER B 458 20.11 23.13 5.86
CA SER B 458 20.31 22.60 4.52
C SER B 458 20.86 21.18 4.58
N LEU B 459 20.32 20.33 3.71
CA LEU B 459 20.75 18.95 3.58
C LEU B 459 21.77 18.85 2.47
N ASP B 460 22.07 19.98 1.83
CA ASP B 460 22.71 20.01 0.52
C ASP B 460 23.69 21.16 0.29
N GLY B 461 23.36 22.31 0.87
CA GLY B 461 24.16 23.53 0.67
C GLY B 461 23.49 24.59 -0.19
N LYS B 462 22.86 24.14 -1.28
CA LYS B 462 22.10 25.02 -2.18
C LYS B 462 20.84 25.61 -1.49
N LYS B 463 19.66 25.05 -1.79
CA LYS B 463 18.38 25.60 -1.30
C LYS B 463 18.10 25.28 0.17
N TRP B 464 17.96 26.33 0.96
CA TRP B 464 17.70 26.21 2.38
C TRP B 464 16.20 26.36 2.63
N GLN B 465 15.82 26.32 3.92
CA GLN B 465 14.58 26.94 4.41
C GLN B 465 14.53 26.99 5.95
N THR B 466 13.55 27.74 6.47
CA THR B 466 13.27 27.84 7.91
C THR B 466 12.80 26.51 8.54
N TYR B 467 12.30 26.61 9.78
CA TYR B 467 11.91 25.45 10.57
C TYR B 467 10.58 25.67 11.26
N ARG B 468 9.85 24.58 11.46
CA ARG B 468 8.52 24.61 12.06
C ARG B 468 8.28 23.41 12.95
N GLY B 469 9.07 23.34 14.02
CA GLY B 469 8.82 22.40 15.12
C GLY B 469 7.34 22.19 15.32
N ASN B 470 6.96 21.00 15.78
CA ASN B 470 5.56 20.58 15.67
C ASN B 470 4.53 21.71 15.80
N SER B 471 3.63 21.72 14.82
CA SER B 471 2.40 22.53 14.74
C SER B 471 2.45 23.95 15.37
N THR B 472 3.63 24.58 15.34
CA THR B 472 3.82 25.87 16.00
C THR B 472 2.92 26.98 15.38
N GLY B 473 3.39 27.64 14.33
CA GLY B 473 2.65 28.71 13.68
C GLY B 473 3.14 28.82 12.25
N THR B 474 4.02 29.79 12.01
CA THR B 474 4.58 30.03 10.66
C THR B 474 6.06 29.70 10.62
N LEU B 475 6.66 29.74 11.80
CA LEU B 475 8.09 29.88 11.97
C LEU B 475 8.37 29.49 13.40
N MET B 476 9.41 28.66 13.60
CA MET B 476 9.69 28.11 14.92
C MET B 476 10.66 28.95 15.74
N VAL B 477 10.08 29.73 16.65
CA VAL B 477 10.81 30.66 17.48
C VAL B 477 11.36 29.95 18.72
N PHE B 478 12.67 30.04 18.91
CA PHE B 478 13.35 29.32 19.99
C PHE B 478 13.84 30.25 21.10
N PHE B 479 13.65 29.82 22.34
CA PHE B 479 14.03 30.63 23.51
C PHE B 479 15.47 30.43 23.95
N GLY B 480 16.22 31.52 24.02
CA GLY B 480 17.68 31.50 24.20
C GLY B 480 18.25 31.10 25.55
N ASN B 481 19.05 31.99 26.14
CA ASN B 481 19.55 31.81 27.50
C ASN B 481 19.01 32.94 28.34
N VAL B 482 19.47 33.03 29.58
CA VAL B 482 19.07 34.14 30.42
C VAL B 482 20.27 34.78 31.10
N ASP B 483 21.43 34.11 30.96
CA ASP B 483 22.66 34.57 31.59
C ASP B 483 23.92 34.07 30.88
N SER B 484 25.00 34.01 31.64
CA SER B 484 26.30 33.67 31.13
C SER B 484 26.63 32.21 31.40
N SER B 485 25.61 31.43 31.77
CA SER B 485 25.71 29.98 32.01
C SER B 485 24.37 29.27 31.83
N GLY B 486 23.50 29.91 31.06
CA GLY B 486 22.16 29.40 30.79
C GLY B 486 22.20 28.38 29.68
N ILE B 487 22.61 27.16 30.05
CA ILE B 487 22.56 25.96 29.20
C ILE B 487 21.12 25.53 28.88
N LYS B 488 20.47 26.16 27.89
CA LYS B 488 19.05 25.87 27.66
C LYS B 488 18.86 24.90 26.53
N HIS B 489 19.16 23.65 26.85
CA HIS B 489 19.01 22.47 26.00
C HIS B 489 17.67 22.49 25.29
N ASN B 490 17.66 23.01 24.07
CA ASN B 490 16.47 22.98 23.21
C ASN B 490 16.42 21.65 22.48
N ILE B 491 15.23 21.03 22.43
CA ILE B 491 15.02 19.84 21.55
C ILE B 491 14.08 20.09 20.37
N PHE B 492 14.45 19.48 19.25
CA PHE B 492 13.71 19.59 18.01
C PHE B 492 12.57 18.56 18.00
N ASN B 493 11.35 19.11 18.18
CA ASN B 493 10.11 18.35 18.49
C ASN B 493 9.81 17.22 17.50
N PRO B 494 9.71 17.55 16.21
CA PRO B 494 10.10 16.62 15.19
C PRO B 494 11.59 16.86 14.91
N PRO B 495 12.33 15.82 14.51
CA PRO B 495 13.78 15.95 14.52
C PRO B 495 14.21 16.75 13.30
N ILE B 496 15.50 16.90 13.04
CA ILE B 496 15.93 17.49 11.78
C ILE B 496 17.01 16.64 11.15
N ILE B 497 16.87 16.38 9.85
CA ILE B 497 17.94 15.77 9.06
C ILE B 497 18.59 16.84 8.21
N ALA B 498 19.86 17.13 8.48
CA ALA B 498 20.61 18.17 7.73
C ALA B 498 22.10 17.84 7.64
N ARG B 499 22.83 18.68 6.90
CA ARG B 499 24.29 18.69 6.96
C ARG B 499 24.76 20.03 7.54
N TYR B 500 23.96 21.05 7.26
CA TYR B 500 24.25 22.41 7.69
C TYR B 500 23.14 22.90 8.60
N ILE B 501 23.51 23.58 9.69
CA ILE B 501 22.57 24.35 10.50
C ILE B 501 23.02 25.80 10.65
N ARG B 502 22.08 26.70 10.47
CA ARG B 502 22.27 28.11 10.74
C ARG B 502 21.53 28.43 12.02
N LEU B 503 22.13 29.28 12.82
CA LEU B 503 21.43 29.86 13.95
C LEU B 503 21.38 31.35 13.70
N HIS B 504 20.18 31.91 13.81
CA HIS B 504 19.95 33.34 13.60
C HIS B 504 19.37 33.97 14.87
N PRO B 505 20.04 34.99 15.45
CA PRO B 505 19.47 35.69 16.61
C PRO B 505 18.14 36.45 16.34
N THR B 506 17.21 36.43 17.30
CA THR B 506 15.95 37.25 17.26
C THR B 506 15.88 38.25 18.44
N HIS B 507 16.77 38.08 19.41
CA HIS B 507 17.16 39.16 20.30
C HIS B 507 18.38 38.80 21.19
N TYR B 508 19.15 39.82 21.50
CA TYR B 508 20.45 39.68 22.13
C TYR B 508 20.51 40.52 23.39
N SER B 509 21.65 40.44 24.08
CA SER B 509 21.88 41.21 25.30
C SER B 509 22.65 42.46 24.96
N ILE B 510 23.96 42.32 24.91
CA ILE B 510 24.82 43.41 24.55
C ILE B 510 25.33 43.14 23.13
N ARG B 511 25.64 41.88 22.87
CA ARG B 511 25.94 41.42 21.52
C ARG B 511 25.26 40.09 21.33
N SER B 512 24.84 39.81 20.09
CA SER B 512 24.46 38.46 19.69
C SER B 512 25.66 37.54 20.04
N THR B 513 25.53 36.80 21.15
CA THR B 513 26.66 36.09 21.78
C THR B 513 26.35 34.64 22.20
N LEU B 514 27.13 33.70 21.67
CA LEU B 514 26.75 32.30 21.77
C LEU B 514 27.91 31.33 21.91
N ARG B 515 27.60 30.25 22.59
CA ARG B 515 28.41 29.06 22.67
C ARG B 515 27.39 27.91 22.78
N MET B 516 27.64 26.80 22.08
CA MET B 516 26.59 25.76 21.87
C MET B 516 27.12 24.38 21.55
N GLU B 517 26.30 23.37 21.84
CA GLU B 517 26.55 21.99 21.44
C GLU B 517 25.36 21.51 20.60
N LEU B 518 25.50 20.39 19.92
CA LEU B 518 24.42 19.83 19.11
C LEU B 518 24.07 18.39 19.47
N MET B 519 22.78 18.12 19.54
CA MET B 519 22.28 16.80 19.89
C MET B 519 21.89 15.97 18.68
N GLY B 520 22.25 14.70 18.69
CA GLY B 520 21.82 13.79 17.66
C GLY B 520 22.79 12.67 17.39
N CYS B 521 22.73 12.14 16.16
CA CYS B 521 23.52 11.00 15.71
C CYS B 521 23.14 10.61 14.28
N ASP B 522 23.84 9.61 13.75
CA ASP B 522 23.68 9.23 12.37
C ASP B 522 22.39 8.46 12.15
N LEU B 523 21.92 8.48 10.90
CA LEU B 523 20.65 7.90 10.48
C LEU B 523 20.25 6.66 11.28
N ASN B 524 21.15 5.69 11.34
CA ASN B 524 21.43 4.95 12.58
C ASN B 524 22.64 4.07 12.42
N SER B 525 23.78 4.76 12.36
CA SER B 525 25.12 4.22 12.60
C SER B 525 25.31 4.26 14.11
N CYS B 526 24.17 4.18 14.82
CA CYS B 526 24.13 4.00 16.27
C CYS B 526 25.33 4.64 16.98
N SER B 527 25.44 5.96 16.85
CA SER B 527 26.46 6.69 17.57
C SER B 527 26.09 6.74 19.06
N MET B 528 26.00 5.56 19.69
CA MET B 528 25.67 5.47 21.10
C MET B 528 26.61 4.44 21.74
N PRO B 529 27.24 4.81 22.88
CA PRO B 529 28.19 4.01 23.68
C PRO B 529 27.76 2.57 23.92
N LEU B 530 28.59 1.63 23.47
CA LEU B 530 28.20 0.23 23.39
C LEU B 530 28.05 -0.48 24.74
N GLY B 531 28.74 0.01 25.76
CA GLY B 531 28.61 -0.55 27.12
C GLY B 531 29.89 -0.60 27.94
N MET B 532 30.92 0.11 27.49
CA MET B 532 32.19 0.19 28.23
C MET B 532 32.00 1.10 29.43
N GLU B 533 31.25 2.18 29.23
CA GLU B 533 31.00 3.16 30.27
C GLU B 533 29.99 2.64 31.26
N SER B 534 28.77 2.42 30.79
CA SER B 534 27.72 1.90 31.67
C SER B 534 28.11 0.56 32.31
N LYS B 535 29.17 -0.06 31.77
CA LYS B 535 29.66 -1.40 32.17
C LYS B 535 28.62 -2.47 31.92
N ALA B 536 27.95 -2.37 30.78
CA ALA B 536 27.04 -3.42 30.32
C ALA B 536 27.88 -4.60 29.86
N ILE B 537 29.15 -4.31 29.60
CA ILE B 537 30.17 -5.31 29.31
C ILE B 537 30.91 -5.61 30.61
N SER B 538 30.78 -6.85 31.07
CA SER B 538 31.28 -7.27 32.38
C SER B 538 32.79 -7.18 32.45
N ASP B 539 33.33 -7.09 33.67
CA ASP B 539 34.78 -7.12 33.88
C ASP B 539 35.38 -8.42 33.32
N ALA B 540 34.62 -9.51 33.45
CA ALA B 540 34.96 -10.80 32.85
C ALA B 540 35.10 -10.74 31.31
N GLN B 541 34.34 -9.85 30.69
CA GLN B 541 34.13 -9.86 29.24
C GLN B 541 35.28 -9.29 28.41
N ILE B 542 36.33 -8.81 29.09
CA ILE B 542 37.51 -8.26 28.40
C ILE B 542 38.79 -8.88 28.94
N THR B 543 39.61 -9.44 28.06
CA THR B 543 40.99 -9.72 28.43
C THR B 543 41.92 -8.89 27.59
N ALA B 544 43.20 -8.93 27.96
CA ALA B 544 44.24 -8.23 27.24
C ALA B 544 45.36 -9.20 26.94
N SER B 545 46.37 -8.70 26.25
CA SER B 545 47.57 -9.45 25.91
C SER B 545 48.38 -9.79 27.16
N SER B 546 48.28 -8.91 28.16
CA SER B 546 48.91 -9.07 29.46
C SER B 546 48.59 -7.86 30.32
N TYR B 547 48.65 -8.02 31.64
CA TYR B 547 48.39 -6.91 32.54
C TYR B 547 49.49 -6.72 33.57
N PHE B 548 49.85 -5.45 33.78
CA PHE B 548 50.81 -5.07 34.82
C PHE B 548 50.20 -5.30 36.19
N THR B 549 50.97 -5.91 37.09
CA THR B 549 50.47 -6.26 38.43
C THR B 549 51.59 -6.49 39.47
N ASN B 550 51.40 -5.95 40.68
CA ASN B 550 52.38 -6.05 41.78
C ASN B 550 51.79 -6.21 43.21
N MET B 551 51.59 -5.08 43.89
CA MET B 551 50.88 -5.02 45.18
C MET B 551 50.11 -3.70 45.27
N PHE B 552 50.80 -2.60 44.99
CA PHE B 552 50.21 -1.25 45.01
C PHE B 552 49.43 -0.95 43.72
N ALA B 553 49.24 -1.97 42.86
CA ALA B 553 48.53 -1.81 41.56
C ALA B 553 48.08 -3.14 40.91
N THR B 554 47.01 -3.06 40.12
CA THR B 554 46.60 -4.16 39.23
C THR B 554 45.91 -3.53 38.02
N TRP B 555 46.72 -3.09 37.06
CA TRP B 555 46.21 -2.39 35.89
C TRP B 555 45.61 -3.37 34.86
N SER B 556 44.68 -4.18 35.34
CA SER B 556 44.01 -5.22 34.56
C SER B 556 43.16 -4.66 33.41
N PRO B 557 43.02 -5.44 32.30
CA PRO B 557 42.30 -4.98 31.11
C PRO B 557 40.90 -4.53 31.45
N SER B 558 40.36 -5.16 32.48
CA SER B 558 39.01 -4.94 32.94
C SER B 558 38.84 -3.52 33.49
N LYS B 559 39.84 -2.67 33.28
CA LYS B 559 39.77 -1.30 33.77
C LYS B 559 39.62 -0.27 32.65
N ALA B 560 39.93 -0.65 31.41
CA ALA B 560 39.94 0.28 30.27
C ALA B 560 38.59 0.96 30.00
N ARG B 561 38.27 1.97 30.79
CA ARG B 561 36.93 2.55 30.78
C ARG B 561 36.95 4.06 30.73
N LEU B 562 36.36 4.58 29.66
CA LEU B 562 36.44 5.99 29.23
C LEU B 562 36.63 7.06 30.30
N HIS B 563 36.02 6.88 31.47
CA HIS B 563 36.37 7.67 32.63
C HIS B 563 36.29 6.72 33.80
N LEU B 564 37.44 6.50 34.43
CA LEU B 564 37.52 5.56 35.54
C LEU B 564 38.53 6.07 36.53
N GLN B 565 38.07 6.34 37.75
CA GLN B 565 38.99 6.75 38.82
C GLN B 565 39.50 5.56 39.66
N GLY B 566 40.57 5.78 40.42
CA GLY B 566 41.13 4.75 41.29
C GLY B 566 42.62 4.91 41.53
N ARG B 567 43.23 3.88 42.12
CA ARG B 567 44.69 3.78 42.21
C ARG B 567 45.21 3.16 40.91
N SER B 568 44.62 2.04 40.51
CA SER B 568 44.85 1.41 39.20
C SER B 568 43.59 1.62 38.38
N ASN B 569 43.57 2.71 37.62
CA ASN B 569 42.36 3.18 36.98
C ASN B 569 42.36 3.07 35.47
N ALA B 570 43.14 2.12 34.95
CA ALA B 570 43.16 1.86 33.51
C ALA B 570 43.89 0.56 33.21
N TRP B 571 43.85 0.14 31.94
CA TRP B 571 44.60 -1.04 31.53
C TRP B 571 46.02 -0.68 31.15
N ARG B 572 46.95 -1.51 31.60
CA ARG B 572 48.34 -1.45 31.17
C ARG B 572 48.91 -2.84 30.91
N PRO B 573 49.70 -2.98 29.81
CA PRO B 573 50.36 -4.23 29.44
C PRO B 573 51.52 -4.52 30.41
N GLN B 574 51.95 -5.77 30.52
CA GLN B 574 53.04 -6.06 31.46
C GLN B 574 54.33 -5.30 31.09
N VAL B 575 54.68 -5.29 29.81
CA VAL B 575 55.76 -4.43 29.30
C VAL B 575 55.32 -3.73 28.04
N ASN B 576 56.24 -2.97 27.43
CA ASN B 576 55.84 -2.14 26.31
C ASN B 576 56.30 -2.66 24.94
N ASN B 577 55.33 -3.21 24.20
CA ASN B 577 55.48 -3.75 22.83
C ASN B 577 54.37 -3.23 21.88
N PRO B 578 54.71 -2.95 20.61
CA PRO B 578 53.69 -2.59 19.61
C PRO B 578 52.78 -3.77 19.23
N LYS B 579 53.36 -4.96 19.14
CA LYS B 579 52.58 -6.17 18.93
C LYS B 579 51.78 -6.55 20.20
N GLU B 580 51.57 -5.57 21.07
CA GLU B 580 50.72 -5.74 22.25
C GLU B 580 49.30 -5.31 21.94
N TRP B 581 48.33 -5.88 22.65
CA TRP B 581 46.92 -5.63 22.34
C TRP B 581 45.96 -5.68 23.50
N LEU B 582 44.74 -5.18 23.25
CA LEU B 582 43.61 -5.29 24.17
C LEU B 582 42.36 -5.80 23.44
N GLN B 583 41.64 -6.73 24.06
CA GLN B 583 40.52 -7.42 23.40
C GLN B 583 39.21 -7.33 24.15
N VAL B 584 38.22 -6.72 23.49
CA VAL B 584 36.83 -6.81 23.93
C VAL B 584 36.21 -8.07 23.32
N ASP B 585 35.36 -8.74 24.09
CA ASP B 585 34.57 -9.85 23.59
C ASP B 585 33.13 -9.41 23.79
N PHE B 586 32.37 -9.29 22.70
CA PHE B 586 30.93 -9.16 22.83
C PHE B 586 30.37 -10.57 22.88
N GLN B 587 29.49 -10.82 23.82
CA GLN B 587 28.90 -12.13 23.91
C GLN B 587 27.86 -12.33 22.78
N LYS B 588 27.80 -11.36 21.85
CA LYS B 588 26.98 -11.48 20.62
C LYS B 588 27.55 -10.66 19.45
N THR B 589 26.91 -10.76 18.28
CA THR B 589 27.42 -10.11 17.06
C THR B 589 27.01 -8.64 16.92
N MET B 590 28.02 -7.77 16.83
CA MET B 590 27.83 -6.32 16.90
C MET B 590 28.25 -5.56 15.63
N LYS B 591 27.77 -4.32 15.53
CA LYS B 591 28.13 -3.39 14.48
C LYS B 591 28.85 -2.23 15.19
N VAL B 592 29.94 -1.71 14.60
CA VAL B 592 30.77 -0.69 15.27
C VAL B 592 30.91 0.61 14.46
N THR B 593 30.71 1.76 15.10
CA THR B 593 31.04 3.06 14.49
C THR B 593 32.51 3.38 14.67
N GLY B 594 32.97 3.35 15.92
CA GLY B 594 34.35 3.67 16.24
C GLY B 594 34.65 3.59 17.72
N VAL B 595 35.94 3.53 18.03
CA VAL B 595 36.45 3.40 19.40
C VAL B 595 36.95 4.73 19.96
N THR B 596 36.44 5.10 21.15
CA THR B 596 36.78 6.35 21.84
C THR B 596 37.92 6.08 22.80
N THR B 597 39.09 6.67 22.52
CA THR B 597 40.28 6.37 23.30
C THR B 597 40.68 7.52 24.20
N GLN B 598 41.49 7.18 25.19
CA GLN B 598 41.87 8.06 26.28
C GLN B 598 43.04 7.45 27.06
N GLY B 599 43.77 8.29 27.78
CA GLY B 599 44.88 7.84 28.63
C GLY B 599 44.59 7.90 30.13
N VAL B 600 45.63 7.70 30.95
CA VAL B 600 45.44 7.66 32.38
C VAL B 600 46.22 8.75 33.08
N LYS B 601 45.61 9.23 34.17
CA LYS B 601 46.23 10.18 35.08
C LYS B 601 46.80 9.39 36.28
N SER B 602 48.07 9.02 36.20
CA SER B 602 48.63 8.06 37.17
C SER B 602 49.17 8.67 38.47
N LEU B 603 48.82 9.94 38.72
CA LEU B 603 49.38 10.77 39.83
C LEU B 603 50.94 10.81 39.82
N LEU B 604 51.54 9.74 39.30
CA LEU B 604 52.94 9.68 38.90
C LEU B 604 53.18 10.70 37.78
N THR B 605 52.99 10.25 36.53
CA THR B 605 53.11 11.07 35.32
C THR B 605 51.90 10.88 34.43
N SER B 606 51.91 11.56 33.28
CA SER B 606 50.94 11.35 32.20
C SER B 606 51.13 9.97 31.57
N MET B 607 50.06 9.40 31.03
CA MET B 607 50.13 8.16 30.23
C MET B 607 48.97 8.05 29.25
N TYR B 608 49.27 7.85 27.97
CA TYR B 608 48.27 7.76 26.88
C TYR B 608 48.84 7.12 25.61
N VAL B 609 47.97 6.73 24.67
CA VAL B 609 48.42 6.11 23.42
C VAL B 609 48.19 7.04 22.22
N LYS B 610 49.28 7.29 21.48
CA LYS B 610 49.34 8.29 20.42
C LYS B 610 48.78 7.82 19.07
N GLU B 611 49.10 6.59 18.68
CA GLU B 611 48.62 5.95 17.44
C GLU B 611 48.31 4.48 17.64
N PHE B 612 47.28 3.98 16.97
CA PHE B 612 46.96 2.56 17.07
C PHE B 612 46.33 1.91 15.82
N LEU B 613 46.19 0.59 15.88
CA LEU B 613 45.55 -0.21 14.86
C LEU B 613 44.36 -0.93 15.48
N ILE B 614 43.50 -1.49 14.64
CA ILE B 614 42.43 -2.37 15.13
C ILE B 614 42.36 -3.67 14.34
N SER B 615 41.88 -4.73 15.00
CA SER B 615 41.61 -6.01 14.35
C SER B 615 40.20 -6.57 14.65
N SER B 616 39.61 -7.25 13.69
CA SER B 616 38.28 -7.84 13.83
C SER B 616 38.30 -9.36 13.70
N SER B 617 37.29 -9.99 14.28
CA SER B 617 37.12 -11.45 14.18
C SER B 617 35.65 -11.86 14.31
N GLN B 618 35.32 -13.01 13.73
CA GLN B 618 34.02 -13.64 13.95
C GLN B 618 34.19 -14.86 14.83
N ASP B 619 35.31 -15.57 14.60
CA ASP B 619 35.67 -16.76 15.38
C ASP B 619 36.21 -16.44 16.79
N GLY B 620 36.96 -15.35 16.90
CA GLY B 620 37.51 -14.92 18.19
C GLY B 620 38.85 -15.55 18.54
N HIS B 621 39.46 -16.21 17.55
CA HIS B 621 40.74 -16.90 17.71
C HIS B 621 41.69 -16.66 16.52
N GLN B 622 41.13 -16.16 15.41
CA GLN B 622 41.92 -15.76 14.23
C GLN B 622 41.39 -14.43 13.67
N TRP B 623 42.28 -13.57 13.19
CA TRP B 623 41.96 -12.14 13.11
C TRP B 623 42.18 -11.45 11.77
N THR B 624 41.10 -10.94 11.17
CA THR B 624 41.20 -10.11 9.98
C THR B 624 41.21 -8.65 10.43
N LEU B 625 42.34 -7.97 10.29
CA LEU B 625 42.49 -6.62 10.85
C LEU B 625 41.90 -5.50 9.96
N PHE B 626 41.97 -4.25 10.44
CA PHE B 626 41.35 -3.11 9.77
C PHE B 626 42.25 -2.46 8.71
N PHE B 627 41.61 -2.00 7.63
CA PHE B 627 42.30 -1.38 6.50
C PHE B 627 41.68 -0.07 6.00
N GLN B 628 42.51 0.72 5.33
CA GLN B 628 42.10 1.97 4.71
C GLN B 628 41.44 1.68 3.37
N ASN B 629 41.93 2.40 2.36
CA ASN B 629 41.67 2.15 0.95
C ASN B 629 42.94 1.56 0.34
N GLY B 630 43.99 1.51 1.18
CA GLY B 630 45.26 0.87 0.86
C GLY B 630 45.72 0.00 2.04
N LYS B 631 46.85 0.37 2.65
CA LYS B 631 47.41 -0.39 3.78
C LYS B 631 46.60 -0.18 5.06
N VAL B 632 47.14 -0.64 6.18
CA VAL B 632 46.44 -0.60 7.47
C VAL B 632 46.14 0.82 7.91
N LYS B 633 45.18 0.96 8.81
CA LYS B 633 44.77 2.27 9.29
C LYS B 633 45.62 2.74 10.47
N VAL B 634 46.45 3.73 10.20
CA VAL B 634 47.24 4.41 11.22
C VAL B 634 46.28 5.34 11.93
N PHE B 635 45.87 4.96 13.14
CA PHE B 635 44.82 5.70 13.84
C PHE B 635 45.29 6.92 14.64
N GLN B 636 44.58 8.03 14.45
CA GLN B 636 44.93 9.28 15.12
C GLN B 636 44.42 9.28 16.55
N GLY B 637 45.33 9.00 17.49
CA GLY B 637 44.97 8.81 18.89
C GLY B 637 45.15 9.99 19.84
N ASN B 638 45.30 9.68 21.12
CA ASN B 638 45.32 10.66 22.20
C ASN B 638 46.48 11.65 22.18
N GLN B 639 46.48 12.52 23.18
CA GLN B 639 47.60 13.38 23.53
C GLN B 639 47.63 13.81 25.01
N ASP B 640 46.76 13.24 25.85
CA ASP B 640 46.73 13.57 27.28
C ASP B 640 46.17 12.49 28.23
N SER B 641 46.47 12.67 29.51
CA SER B 641 45.92 11.87 30.61
C SER B 641 44.41 11.76 30.51
N PHE B 642 43.78 12.88 30.13
CA PHE B 642 42.32 12.95 29.95
C PHE B 642 41.96 13.05 28.46
N THR B 643 40.86 13.75 28.15
CA THR B 643 40.37 13.98 26.77
C THR B 643 40.22 12.73 25.91
N PRO B 644 39.00 12.48 25.47
CA PRO B 644 38.71 11.33 24.66
C PRO B 644 38.81 11.61 23.15
N VAL B 645 38.71 10.56 22.32
CA VAL B 645 38.89 10.68 20.86
C VAL B 645 37.74 10.13 19.93
N VAL B 646 36.95 11.05 19.33
CA VAL B 646 36.00 10.74 18.24
C VAL B 646 36.76 10.05 17.09
N ASN B 647 37.14 8.79 17.30
CA ASN B 647 37.88 8.05 16.29
C ASN B 647 36.98 6.94 15.72
N SER B 648 36.41 7.18 14.53
CA SER B 648 35.44 6.23 13.93
C SER B 648 35.90 5.58 12.63
N LEU B 649 35.11 4.64 12.13
CA LEU B 649 35.55 3.76 11.04
C LEU B 649 34.84 3.99 9.70
N ASP B 650 35.61 3.99 8.61
CA ASP B 650 35.08 4.25 7.26
C ASP B 650 34.09 3.17 6.83
N PRO B 651 34.53 1.89 6.75
CA PRO B 651 33.49 0.89 6.62
C PRO B 651 33.05 0.46 8.02
N PRO B 652 31.80 0.77 8.40
CA PRO B 652 31.33 0.33 9.70
C PRO B 652 31.64 -1.16 9.87
N LEU B 653 32.45 -1.50 10.87
CA LEU B 653 32.92 -2.87 11.02
C LEU B 653 31.89 -3.79 11.70
N LEU B 654 31.44 -4.82 10.99
CA LEU B 654 30.54 -5.80 11.60
C LEU B 654 31.35 -6.97 12.17
N THR B 655 31.35 -7.08 13.49
CA THR B 655 32.20 -8.03 14.23
C THR B 655 31.66 -8.41 15.63
N ARG B 656 32.44 -9.19 16.36
CA ARG B 656 32.08 -9.66 17.70
C ARG B 656 33.34 -9.71 18.56
N TYR B 657 34.48 -9.72 17.90
CA TYR B 657 35.72 -9.70 18.61
C TYR B 657 36.56 -8.53 18.10
N LEU B 658 36.65 -7.52 18.95
CA LEU B 658 37.36 -6.28 18.67
C LEU B 658 38.65 -6.17 19.50
N ARG B 659 39.77 -5.97 18.81
CA ARG B 659 41.07 -5.88 19.44
C ARG B 659 41.73 -4.55 19.14
N ILE B 660 42.22 -3.89 20.18
CA ILE B 660 42.96 -2.63 20.06
C ILE B 660 44.45 -2.94 19.88
N HIS B 661 45.06 -2.28 18.90
CA HIS B 661 46.49 -2.48 18.64
C HIS B 661 47.30 -1.20 18.72
N PRO B 662 47.81 -0.88 19.92
CA PRO B 662 48.65 0.29 20.17
C PRO B 662 49.94 0.28 19.34
N GLN B 663 50.23 1.41 18.70
CA GLN B 663 51.43 1.54 17.93
C GLN B 663 52.41 2.47 18.59
N SER B 664 52.05 3.74 18.70
CA SER B 664 52.90 4.72 19.33
C SER B 664 52.20 5.32 20.52
N TRP B 665 52.99 5.65 21.53
CA TRP B 665 52.44 6.11 22.80
C TRP B 665 53.27 7.25 23.40
N VAL B 666 52.96 7.60 24.65
CA VAL B 666 53.65 8.71 25.33
C VAL B 666 54.77 8.29 26.32
N HIS B 667 54.40 7.78 27.48
CA HIS B 667 55.39 7.39 28.50
C HIS B 667 55.35 5.89 28.73
N GLN B 668 54.14 5.37 28.88
CA GLN B 668 53.86 3.93 28.87
C GLN B 668 52.59 3.77 28.06
N ILE B 669 52.29 2.54 27.67
CA ILE B 669 51.03 2.25 27.02
C ILE B 669 49.94 2.19 28.09
N ALA B 670 48.93 3.05 27.94
CA ALA B 670 47.88 3.23 28.95
C ALA B 670 46.51 3.50 28.34
N LEU B 671 45.52 2.67 28.67
CA LEU B 671 44.26 2.80 28.00
C LEU B 671 43.00 2.75 28.85
N ARG B 672 42.26 3.86 28.82
CA ARG B 672 40.86 3.93 29.21
C ARG B 672 40.15 4.16 27.89
N MET B 673 39.10 3.38 27.62
CA MET B 673 38.44 3.47 26.30
C MET B 673 36.93 3.19 26.28
N GLU B 674 36.37 3.11 25.08
CA GLU B 674 34.94 2.90 24.85
C GLU B 674 34.71 2.61 23.37
N VAL B 675 33.71 1.77 23.07
CA VAL B 675 33.26 1.47 21.69
C VAL B 675 31.90 2.12 21.43
N LEU B 676 31.67 2.57 20.20
CA LEU B 676 30.36 3.06 19.81
C LEU B 676 29.66 2.06 18.90
N GLY B 677 28.36 1.87 19.10
CA GLY B 677 27.59 1.01 18.20
C GLY B 677 26.35 0.30 18.71
N CYS B 678 25.99 -0.79 18.03
CA CYS B 678 24.77 -1.55 18.25
C CYS B 678 24.96 -2.97 17.71
N GLU B 679 23.99 -3.52 16.97
CA GLU B 679 24.13 -4.87 16.34
C GLU B 679 23.19 -5.15 15.15
N ALA B 680 23.73 -5.82 14.13
CA ALA B 680 22.90 -6.39 13.08
C ALA B 680 22.44 -7.76 13.58
N GLN B 681 22.16 -8.68 12.64
CA GLN B 681 21.80 -10.07 12.95
C GLN B 681 22.72 -10.71 13.98
N ASP B 682 22.30 -11.83 14.58
CA ASP B 682 23.13 -12.44 15.61
C ASP B 682 23.94 -13.65 15.11
N LEU B 683 25.21 -13.37 14.83
CA LEU B 683 26.25 -14.31 14.39
C LEU B 683 26.12 -14.84 12.96
N TYR B 684 24.92 -15.24 12.54
CA TYR B 684 24.70 -15.83 11.21
C TYR B 684 23.26 -15.66 10.77
#